data_5E5G
#
_entry.id   5E5G
#
_cell.length_a   205.002
_cell.length_b   205.002
_cell.length_c   66.542
_cell.angle_alpha   90.000
_cell.angle_beta   90.000
_cell.angle_gamma   120.000
#
_symmetry.space_group_name_H-M   'P 32 2 1'
#
loop_
_entity.id
_entity.type
_entity.pdbx_description
1 polymer '3-deoxy-D-arabinoheptulosonate-7-phosphate synthase'
2 non-polymer 'SULFATE ION'
3 non-polymer 'MANGANESE (II) ION'
4 non-polymer D-TRYPTOPHAN
5 water water
#
_entity_poly.entity_id   1
_entity_poly.type   'polypeptide(L)'
_entity_poly.pdbx_seq_one_letter_code
;GAMNWTVDIPIDQLPSLPPLPTDLRTRLDAALAKPAAQQPTWPADQALAMRTVLESVPPVTVPSEIVRLQEQLAQVAKGE
AFLLQGGDCAETFMDNTEPHIRGNVRALLQMAVVLTYGASMPVVKVARIAGQYAKPRSADIDALGLRSYRGDMINGFAPD
AAAREHDPSRLVRAYANASAAMNLVRALTSSGLASLHLVHDWNREFVRTSPAGARYEALATEIDRGLRFMSACGVADRNL
QTAEIYASHEALVLDYERAMLRLSDGDDGEPQLFDLSAHTVWIGERTRQIDGAHIAFAQVIANPVGVKLGPNMTPELAVE
YVERLDPHNKPGRLTLVSRMGNHKVRDLLPPIVEKVQATGHQVIWQCDPMHGNTHESSTGFKTRHFDRIVDEVQGFFEVH
RALGTHPGGIHVEITGENVTECLGGAQDISETDLAGRYETACDPRLNTQQSLELAFLVAEMLRD
;
_entity_poly.pdbx_strand_id   A,B
#
loop_
_chem_comp.id
_chem_comp.type
_chem_comp.name
_chem_comp.formula
MN non-polymer 'MANGANESE (II) ION' 'Mn 2'
SO4 non-polymer 'SULFATE ION' 'O4 S -2'
#
# COMPACT_ATOMS: atom_id res chain seq x y z
N MET A 3 -13.68 -4.93 -29.67
CA MET A 3 -14.93 -4.14 -29.91
C MET A 3 -14.75 -2.73 -29.38
N ASN A 4 -14.50 -2.63 -28.08
CA ASN A 4 -14.14 -1.37 -27.44
C ASN A 4 -12.70 -1.39 -26.92
N TRP A 5 -12.17 -2.60 -26.73
CA TRP A 5 -10.90 -2.80 -26.04
C TRP A 5 -10.92 -2.17 -24.65
N THR A 6 -12.02 -2.40 -23.95
CA THR A 6 -12.11 -2.15 -22.52
C THR A 6 -12.70 -3.37 -21.84
N VAL A 7 -12.61 -3.40 -20.51
CA VAL A 7 -13.42 -4.31 -19.72
C VAL A 7 -14.19 -3.55 -18.65
N ASP A 8 -15.42 -3.99 -18.40
CA ASP A 8 -16.26 -3.37 -17.41
C ASP A 8 -16.18 -4.13 -16.11
N ILE A 9 -16.01 -3.39 -15.03
CA ILE A 9 -15.91 -3.98 -13.70
C ILE A 9 -17.14 -3.59 -12.88
N PRO A 10 -17.99 -4.58 -12.59
CA PRO A 10 -19.21 -4.34 -11.82
C PRO A 10 -18.92 -3.73 -10.46
N ILE A 11 -19.77 -2.80 -10.04
CA ILE A 11 -19.80 -2.35 -8.65
C ILE A 11 -21.04 -2.87 -7.93
N ASP A 12 -20.85 -3.32 -6.70
CA ASP A 12 -21.97 -3.65 -5.82
C ASP A 12 -22.05 -2.67 -4.66
N LEU A 17 -22.05 0.74 5.79
CA LEU A 17 -21.30 1.20 6.96
C LEU A 17 -21.94 2.46 7.55
N PRO A 18 -21.57 2.81 8.78
CA PRO A 18 -22.17 3.93 9.52
C PRO A 18 -21.77 5.28 8.92
N PRO A 19 -22.71 6.23 8.87
CA PRO A 19 -22.38 7.55 8.31
C PRO A 19 -21.44 8.35 9.22
N LEU A 20 -20.82 9.38 8.66
CA LEU A 20 -20.08 10.36 9.46
C LEU A 20 -21.02 11.01 10.48
N PRO A 21 -20.49 11.49 11.62
CA PRO A 21 -21.38 12.04 12.65
C PRO A 21 -22.23 13.20 12.13
N THR A 22 -23.45 13.31 12.65
CA THR A 22 -24.42 14.30 12.18
C THR A 22 -23.94 15.75 12.34
N ASP A 23 -23.25 16.05 13.43
CA ASP A 23 -22.72 17.40 13.63
C ASP A 23 -21.63 17.76 12.60
N LEU A 24 -20.75 16.82 12.29
CA LEU A 24 -19.70 17.10 11.31
C LEU A 24 -20.27 17.19 9.89
N ARG A 25 -21.26 16.34 9.60
CA ARG A 25 -21.94 16.38 8.31
C ARG A 25 -22.70 17.69 8.11
N THR A 26 -23.29 18.19 9.19
CA THR A 26 -23.99 19.48 9.15
C THR A 26 -23.01 20.62 8.78
N ARG A 27 -21.82 20.57 9.33
N ARG A 27 -21.83 20.61 9.38
CA ARG A 27 -20.80 21.57 9.03
CA ARG A 27 -20.76 21.54 9.03
C ARG A 27 -20.22 21.39 7.62
C ARG A 27 -20.35 21.39 7.58
N LEU A 28 -20.12 20.13 7.19
CA LEU A 28 -19.66 19.82 5.85
C LEU A 28 -20.65 20.33 4.81
N ASP A 29 -21.93 20.08 5.06
CA ASP A 29 -22.98 20.47 4.11
C ASP A 29 -23.08 21.99 3.97
N ALA A 30 -22.88 22.71 5.06
CA ALA A 30 -22.88 24.16 5.01
C ALA A 30 -21.69 24.71 4.21
N ALA A 31 -20.55 24.04 4.33
CA ALA A 31 -19.36 24.37 3.55
C ALA A 31 -19.56 24.10 2.05
N LEU A 32 -20.12 22.94 1.73
CA LEU A 32 -20.23 22.51 0.34
C LEU A 32 -21.44 23.13 -0.35
N ALA A 33 -22.24 23.88 0.40
CA ALA A 33 -23.28 24.71 -0.21
C ALA A 33 -22.69 25.86 -1.00
N LYS A 34 -21.43 26.19 -0.74
CA LYS A 34 -20.79 27.31 -1.43
C LYS A 34 -20.49 26.96 -2.88
N PRO A 35 -20.37 27.99 -3.74
CA PRO A 35 -20.13 27.72 -5.14
C PRO A 35 -18.76 27.11 -5.37
N ALA A 36 -18.69 26.12 -6.26
CA ALA A 36 -17.45 25.42 -6.54
C ALA A 36 -17.13 25.55 -8.02
N ALA A 37 -15.94 26.06 -8.32
CA ALA A 37 -15.51 26.24 -9.71
C ALA A 37 -14.89 24.94 -10.24
N GLN A 38 -14.99 24.75 -11.55
CA GLN A 38 -14.19 23.76 -12.26
C GLN A 38 -14.62 22.31 -11.98
N GLN A 39 -15.89 22.13 -11.60
CA GLN A 39 -16.38 20.80 -11.25
C GLN A 39 -16.89 20.04 -12.48
N PRO A 40 -16.71 18.72 -12.49
CA PRO A 40 -17.29 17.93 -13.57
C PRO A 40 -18.81 18.11 -13.66
N THR A 41 -19.36 17.83 -14.85
CA THR A 41 -20.76 18.11 -15.13
C THR A 41 -21.57 16.82 -15.28
N TRP A 42 -21.22 15.80 -14.51
CA TRP A 42 -21.95 14.54 -14.57
C TRP A 42 -23.21 14.58 -13.71
N PRO A 43 -24.12 13.63 -13.94
CA PRO A 43 -25.40 13.70 -13.23
C PRO A 43 -25.27 13.47 -11.72
N ALA A 44 -26.06 14.20 -10.95
CA ALA A 44 -25.94 14.21 -9.50
C ALA A 44 -26.21 12.82 -8.92
N ASP A 45 -27.17 12.11 -9.50
CA ASP A 45 -27.57 10.82 -8.96
C ASP A 45 -26.48 9.78 -9.18
N GLN A 46 -25.77 9.89 -10.30
CA GLN A 46 -24.65 8.99 -10.59
C GLN A 46 -23.45 9.32 -9.70
N ALA A 47 -23.18 10.61 -9.52
CA ALA A 47 -22.13 11.05 -8.60
C ALA A 47 -22.39 10.52 -7.19
N LEU A 48 -23.63 10.64 -6.74
CA LEU A 48 -24.01 10.14 -5.43
C LEU A 48 -23.70 8.65 -5.30
N ALA A 49 -24.08 7.86 -6.30
CA ALA A 49 -23.81 6.42 -6.27
C ALA A 49 -22.32 6.14 -6.12
N MET A 50 -21.49 6.86 -6.86
CA MET A 50 -20.04 6.61 -6.83
C MET A 50 -19.42 7.08 -5.52
N ARG A 51 -19.92 8.19 -4.97
CA ARG A 51 -19.45 8.62 -3.66
C ARG A 51 -19.77 7.57 -2.61
N THR A 52 -20.93 6.93 -2.74
CA THR A 52 -21.37 5.94 -1.77
C THR A 52 -20.46 4.71 -1.81
N VAL A 53 -20.01 4.34 -3.01
CA VAL A 53 -18.96 3.32 -3.15
C VAL A 53 -17.71 3.73 -2.40
N LEU A 54 -17.24 4.94 -2.66
CA LEU A 54 -15.95 5.38 -2.11
C LEU A 54 -16.00 5.56 -0.60
N GLU A 55 -17.19 5.84 -0.06
CA GLU A 55 -17.34 6.04 1.37
C GLU A 55 -17.06 4.75 2.14
N SER A 56 -16.95 3.64 1.41
CA SER A 56 -16.81 2.33 2.04
C SER A 56 -15.45 1.67 1.76
N VAL A 57 -14.63 2.28 0.90
CA VAL A 57 -13.35 1.66 0.53
C VAL A 57 -12.29 1.95 1.59
N PRO A 58 -11.28 1.08 1.69
CA PRO A 58 -10.11 1.36 2.52
C PRO A 58 -9.45 2.69 2.15
N PRO A 59 -9.02 3.46 3.15
CA PRO A 59 -8.46 4.78 2.87
C PRO A 59 -7.08 4.67 2.22
N VAL A 60 -6.68 5.69 1.48
CA VAL A 60 -5.35 5.71 0.86
C VAL A 60 -4.29 5.98 1.93
N THR A 61 -4.61 6.91 2.83
CA THR A 61 -3.77 7.24 3.97
C THR A 61 -4.54 7.06 5.28
N VAL A 62 -3.84 7.12 6.40
CA VAL A 62 -4.49 7.04 7.72
C VAL A 62 -4.11 8.23 8.60
N PRO A 63 -4.95 8.55 9.60
CA PRO A 63 -4.78 9.83 10.28
C PRO A 63 -3.44 10.00 10.99
N SER A 64 -2.90 8.93 11.56
CA SER A 64 -1.65 9.04 12.31
C SER A 64 -0.48 9.48 11.41
N GLU A 65 -0.55 9.11 10.13
CA GLU A 65 0.45 9.57 9.16
C GLU A 65 0.34 11.08 8.92
N ILE A 66 -0.89 11.57 8.88
CA ILE A 66 -1.17 12.97 8.61
C ILE A 66 -0.78 13.83 9.81
N VAL A 67 -0.98 13.29 11.00
CA VAL A 67 -0.54 13.96 12.23
C VAL A 67 0.98 14.03 12.29
N ARG A 68 1.64 12.98 11.84
CA ARG A 68 3.10 12.97 11.77
C ARG A 68 3.61 13.98 10.73
N LEU A 69 2.99 14.00 9.57
CA LEU A 69 3.34 15.00 8.56
C LEU A 69 3.19 16.41 9.12
N GLN A 70 2.10 16.66 9.84
CA GLN A 70 1.84 17.98 10.39
C GLN A 70 2.96 18.40 11.35
N GLU A 71 3.46 17.45 12.13
CA GLU A 71 4.57 17.71 13.04
C GLU A 71 5.84 18.09 12.27
N GLN A 72 6.08 17.40 11.17
CA GLN A 72 7.28 17.63 10.38
C GLN A 72 7.19 18.94 9.58
N LEU A 73 5.97 19.31 9.18
CA LEU A 73 5.74 20.58 8.49
C LEU A 73 5.81 21.79 9.44
N ALA A 74 5.47 21.57 10.71
CA ALA A 74 5.67 22.59 11.73
C ALA A 74 7.15 22.94 11.87
N GLN A 75 8.01 21.93 11.74
CA GLN A 75 9.45 22.14 11.78
C GLN A 75 9.94 22.94 10.56
N VAL A 76 9.34 22.68 9.40
CA VAL A 76 9.60 23.49 8.21
C VAL A 76 9.22 24.95 8.46
N ALA A 77 8.01 25.17 8.98
CA ALA A 77 7.51 26.53 9.21
C ALA A 77 8.40 27.29 10.18
N LYS A 78 9.01 26.58 11.11
CA LYS A 78 9.86 27.19 12.13
C LYS A 78 11.30 27.38 11.65
N GLY A 79 11.57 27.00 10.40
CA GLY A 79 12.89 27.23 9.81
C GLY A 79 13.89 26.13 10.12
N GLU A 80 13.38 24.93 10.41
CA GLU A 80 14.24 23.86 10.91
C GLU A 80 14.13 22.61 10.04
N ALA A 81 13.41 22.74 8.93
CA ALA A 81 13.42 21.74 7.88
C ALA A 81 13.02 22.38 6.55
N PHE A 82 13.09 21.60 5.48
CA PHE A 82 12.84 22.09 4.13
C PHE A 82 11.87 21.15 3.43
N LEU A 83 10.92 21.73 2.69
CA LEU A 83 9.87 20.95 2.04
C LEU A 83 10.18 20.73 0.57
N LEU A 84 10.35 19.47 0.17
CA LEU A 84 10.42 19.10 -1.25
C LEU A 84 9.14 18.41 -1.70
N GLN A 85 8.52 18.97 -2.73
CA GLN A 85 7.26 18.45 -3.24
C GLN A 85 7.34 18.38 -4.76
N GLY A 86 7.12 17.19 -5.30
CA GLY A 86 7.44 16.93 -6.70
C GLY A 86 6.75 15.70 -7.27
N GLY A 87 6.44 15.76 -8.56
CA GLY A 87 5.97 14.61 -9.30
C GLY A 87 5.36 15.04 -10.62
N ASP A 88 4.53 14.18 -11.21
CA ASP A 88 3.90 14.47 -12.50
C ASP A 88 3.00 15.70 -12.36
N CYS A 89 2.86 16.47 -13.43
CA CYS A 89 1.82 17.49 -13.50
C CYS A 89 0.45 16.84 -13.45
N ALA A 90 0.24 15.87 -14.31
CA ALA A 90 -0.98 15.08 -14.31
C ALA A 90 -0.63 13.60 -14.42
N GLU A 91 -1.01 12.82 -13.41
CA GLU A 91 -0.93 11.36 -13.51
C GLU A 91 -1.99 10.86 -14.48
N THR A 92 -1.65 9.85 -15.27
CA THR A 92 -2.65 9.16 -16.05
C THR A 92 -2.81 7.73 -15.55
N PHE A 93 -3.97 7.14 -15.81
CA PHE A 93 -4.17 5.75 -15.47
C PHE A 93 -3.25 4.84 -16.30
N MET A 94 -3.07 5.20 -17.57
CA MET A 94 -2.27 4.39 -18.49
C MET A 94 -0.81 4.31 -18.05
N ASP A 95 -0.31 5.40 -17.49
CA ASP A 95 1.11 5.51 -17.13
C ASP A 95 1.34 5.25 -15.65
N ASN A 96 0.28 4.81 -14.94
CA ASN A 96 0.36 4.50 -13.51
C ASN A 96 0.91 3.09 -13.30
N THR A 97 2.17 2.91 -13.71
CA THR A 97 2.80 1.60 -13.79
C THR A 97 3.93 1.53 -12.78
N GLU A 98 4.46 0.32 -12.58
N GLU A 98 4.46 0.32 -12.59
CA GLU A 98 5.58 0.13 -11.65
CA GLU A 98 5.57 0.13 -11.67
C GLU A 98 6.81 0.92 -12.10
C GLU A 98 6.81 0.92 -12.10
N PRO A 99 7.20 0.82 -13.38
CA PRO A 99 8.43 1.52 -13.78
C PRO A 99 8.29 3.03 -13.62
N HIS A 100 7.13 3.56 -13.94
CA HIS A 100 6.93 5.00 -13.90
C HIS A 100 6.87 5.52 -12.47
N ILE A 101 6.13 4.81 -11.63
CA ILE A 101 6.04 5.16 -10.22
C ILE A 101 7.42 5.07 -9.55
N ARG A 102 8.13 3.98 -9.83
N ARG A 102 8.13 3.98 -9.83
CA ARG A 102 9.47 3.78 -9.28
CA ARG A 102 9.47 3.78 -9.28
C ARG A 102 10.42 4.91 -9.72
C ARG A 102 10.43 4.89 -9.73
N GLY A 103 10.31 5.31 -10.99
CA GLY A 103 11.15 6.37 -11.52
C GLY A 103 10.90 7.72 -10.87
N ASN A 104 9.63 8.04 -10.64
CA ASN A 104 9.28 9.30 -10.00
C ASN A 104 9.66 9.33 -8.52
N VAL A 105 9.50 8.20 -7.85
CA VAL A 105 9.97 8.06 -6.48
C VAL A 105 11.49 8.19 -6.39
N ARG A 106 12.20 7.54 -7.32
CA ARG A 106 13.66 7.65 -7.37
C ARG A 106 14.09 9.10 -7.59
N ALA A 107 13.46 9.77 -8.56
CA ALA A 107 13.84 11.13 -8.90
C ALA A 107 13.65 12.07 -7.71
N LEU A 108 12.59 11.84 -6.95
CA LEU A 108 12.30 12.66 -5.77
C LEU A 108 13.33 12.41 -4.67
N LEU A 109 13.66 11.14 -4.46
CA LEU A 109 14.67 10.77 -3.46
C LEU A 109 16.05 11.33 -3.82
N GLN A 110 16.41 11.26 -5.10
CA GLN A 110 17.70 11.77 -5.55
C GLN A 110 17.83 13.26 -5.26
N MET A 111 16.79 14.02 -5.56
CA MET A 111 16.74 15.44 -5.21
C MET A 111 16.91 15.63 -3.71
N ALA A 112 16.20 14.81 -2.92
CA ALA A 112 16.12 15.01 -1.48
C ALA A 112 17.49 14.84 -0.81
N VAL A 113 18.29 13.91 -1.30
CA VAL A 113 19.63 13.69 -0.75
C VAL A 113 20.45 14.97 -0.89
N VAL A 114 20.43 15.53 -2.10
CA VAL A 114 21.24 16.71 -2.42
C VAL A 114 20.74 17.92 -1.64
N LEU A 115 19.42 18.03 -1.50
CA LEU A 115 18.83 19.16 -0.77
C LEU A 115 19.03 19.03 0.75
N THR A 116 18.96 17.82 1.27
CA THR A 116 19.25 17.58 2.68
C THR A 116 20.68 18.03 3.02
N TYR A 117 21.65 17.62 2.21
CA TYR A 117 23.04 18.02 2.43
C TYR A 117 23.21 19.53 2.31
N GLY A 118 22.61 20.10 1.27
CA GLY A 118 22.70 21.53 1.03
C GLY A 118 22.05 22.35 2.14
N ALA A 119 20.91 21.88 2.64
CA ALA A 119 20.14 22.65 3.61
C ALA A 119 20.70 22.47 5.03
N SER A 120 21.43 21.38 5.22
CA SER A 120 21.88 20.97 6.55
C SER A 120 20.72 20.83 7.52
N MET A 121 19.60 20.31 7.02
CA MET A 121 18.45 20.02 7.86
C MET A 121 17.51 19.06 7.15
N PRO A 122 16.59 18.44 7.89
CA PRO A 122 15.75 17.40 7.29
C PRO A 122 14.93 17.94 6.13
N VAL A 123 14.70 17.09 5.14
CA VAL A 123 13.83 17.41 4.02
C VAL A 123 12.57 16.55 4.07
N VAL A 124 11.42 17.21 4.17
CA VAL A 124 10.13 16.53 4.13
C VAL A 124 9.76 16.25 2.68
N LYS A 125 9.62 14.96 2.35
CA LYS A 125 9.45 14.52 0.98
C LYS A 125 7.98 14.22 0.67
N VAL A 126 7.40 15.05 -0.20
CA VAL A 126 5.99 14.94 -0.54
C VAL A 126 5.84 14.78 -2.05
N ALA A 127 5.36 13.62 -2.48
CA ALA A 127 5.16 13.37 -3.91
C ALA A 127 3.81 13.92 -4.38
N ARG A 128 3.79 14.51 -5.57
CA ARG A 128 2.57 14.60 -6.37
C ARG A 128 2.29 13.24 -6.97
N ILE A 129 1.42 12.46 -6.32
CA ILE A 129 1.26 11.07 -6.68
C ILE A 129 0.03 10.48 -6.00
N ALA A 130 -0.50 9.39 -6.58
CA ALA A 130 -1.62 8.66 -5.99
C ALA A 130 -2.83 9.57 -5.80
N GLY A 131 -3.13 10.38 -6.82
CA GLY A 131 -4.34 11.19 -6.77
C GLY A 131 -4.37 12.42 -7.66
N GLN A 132 -3.28 12.70 -8.37
CA GLN A 132 -3.20 13.90 -9.18
C GLN A 132 -3.84 13.67 -10.56
N TYR A 133 -5.16 13.49 -10.56
CA TYR A 133 -5.89 12.93 -11.71
C TYR A 133 -6.92 13.93 -12.27
N ALA A 134 -6.88 15.17 -11.78
CA ALA A 134 -7.91 16.14 -12.15
C ALA A 134 -7.26 17.51 -12.34
N LYS A 135 -7.70 18.22 -13.37
CA LYS A 135 -7.18 19.55 -13.66
C LYS A 135 -8.31 20.52 -14.04
N PRO A 136 -8.13 21.80 -13.73
CA PRO A 136 -8.99 22.85 -14.25
C PRO A 136 -8.74 23.09 -15.74
N ARG A 137 -9.66 23.79 -16.40
CA ARG A 137 -9.38 24.36 -17.72
C ARG A 137 -9.95 25.76 -17.82
N SER A 138 -9.25 26.63 -18.54
CA SER A 138 -9.75 27.97 -18.84
C SER A 138 -10.82 27.92 -19.93
N ALA A 139 -10.66 27.03 -20.89
CA ALA A 139 -11.53 26.97 -22.06
C ALA A 139 -12.27 25.64 -22.11
N ASP A 140 -13.56 25.68 -22.38
CA ASP A 140 -14.36 24.47 -22.39
C ASP A 140 -14.32 23.79 -23.75
N ILE A 141 -13.78 24.48 -24.76
CA ILE A 141 -13.46 23.84 -26.04
C ILE A 141 -11.99 23.98 -26.39
N ASP A 142 -11.34 22.86 -26.73
CA ASP A 142 -9.91 22.86 -26.99
C ASP A 142 -9.63 23.06 -28.48
N ALA A 143 -8.36 23.01 -28.85
CA ALA A 143 -7.94 23.45 -30.18
C ALA A 143 -8.44 22.49 -31.27
N LEU A 144 -8.87 21.30 -30.86
CA LEU A 144 -9.43 20.33 -31.78
C LEU A 144 -10.96 20.40 -31.83
N GLY A 145 -11.55 21.38 -31.15
CA GLY A 145 -13.00 21.54 -31.13
C GLY A 145 -13.69 20.52 -30.25
N LEU A 146 -12.94 19.93 -29.32
CA LEU A 146 -13.50 18.98 -28.36
C LEU A 146 -13.70 19.64 -27.00
N ARG A 147 -14.66 19.11 -26.23
CA ARG A 147 -14.65 19.31 -24.78
C ARG A 147 -13.26 19.04 -24.23
N SER A 148 -12.79 19.92 -23.36
CA SER A 148 -11.42 19.85 -22.87
C SER A 148 -11.18 18.63 -21.98
N TYR A 149 -10.02 18.02 -22.14
CA TYR A 149 -9.52 17.03 -21.18
C TYR A 149 -9.36 17.65 -19.80
N ARG A 150 -9.90 16.99 -18.78
CA ARG A 150 -9.92 17.53 -17.43
C ARG A 150 -9.18 16.62 -16.44
N GLY A 151 -8.42 15.67 -16.97
CA GLY A 151 -7.76 14.66 -16.14
C GLY A 151 -8.56 13.38 -16.06
N ASP A 152 -7.87 12.29 -15.77
CA ASP A 152 -8.45 10.96 -15.91
C ASP A 152 -9.54 10.67 -14.88
N MET A 153 -9.61 11.45 -13.81
CA MET A 153 -10.69 11.30 -12.84
C MET A 153 -12.03 11.76 -13.44
N ILE A 154 -11.95 12.53 -14.53
CA ILE A 154 -13.14 13.16 -15.07
C ILE A 154 -13.45 12.65 -16.48
N ASN A 155 -12.46 12.69 -17.36
CA ASN A 155 -12.63 12.17 -18.72
C ASN A 155 -11.30 11.69 -19.30
N GLY A 156 -11.29 11.35 -20.58
CA GLY A 156 -10.14 10.69 -21.21
C GLY A 156 -9.30 11.64 -22.05
N PHE A 157 -8.00 11.36 -22.12
CA PHE A 157 -7.05 12.21 -22.87
C PHE A 157 -7.27 12.08 -24.38
N ALA A 158 -7.72 10.91 -24.83
CA ALA A 158 -7.81 10.63 -26.25
C ALA A 158 -8.69 11.67 -26.93
N PRO A 159 -8.27 12.13 -28.12
CA PRO A 159 -8.99 13.22 -28.79
C PRO A 159 -10.23 12.70 -29.49
N ASP A 160 -11.20 12.27 -28.68
CA ASP A 160 -12.35 11.54 -29.17
C ASP A 160 -13.55 11.97 -28.33
N ALA A 161 -14.65 12.34 -28.99
CA ALA A 161 -15.79 12.94 -28.27
C ALA A 161 -16.27 12.03 -27.15
N ALA A 162 -16.40 10.73 -27.43
CA ALA A 162 -16.89 9.80 -26.42
C ALA A 162 -15.98 9.78 -25.20
N ALA A 163 -14.66 9.78 -25.45
CA ALA A 163 -13.68 9.76 -24.37
C ALA A 163 -13.77 11.01 -23.49
N ARG A 164 -14.25 12.11 -24.05
CA ARG A 164 -14.21 13.40 -23.35
C ARG A 164 -15.46 13.68 -22.52
N GLU A 165 -16.47 12.81 -22.62
CA GLU A 165 -17.65 12.97 -21.78
C GLU A 165 -17.31 12.64 -20.33
N HIS A 166 -17.84 13.44 -19.42
CA HIS A 166 -17.51 13.33 -18.01
C HIS A 166 -18.17 12.08 -17.42
N ASP A 167 -17.35 11.21 -16.85
CA ASP A 167 -17.77 9.86 -16.51
C ASP A 167 -17.52 9.61 -15.03
N PRO A 168 -18.59 9.54 -14.24
CA PRO A 168 -18.43 9.47 -12.79
C PRO A 168 -17.84 8.15 -12.32
N SER A 169 -17.82 7.13 -13.17
CA SER A 169 -17.17 5.86 -12.82
C SER A 169 -15.66 6.05 -12.71
N ARG A 170 -15.15 7.15 -13.25
CA ARG A 170 -13.72 7.45 -13.15
C ARG A 170 -13.33 7.86 -11.74
N LEU A 171 -14.32 8.25 -10.92
CA LEU A 171 -14.07 8.47 -9.49
C LEU A 171 -13.50 7.20 -8.85
N VAL A 172 -14.11 6.07 -9.21
CA VAL A 172 -13.76 4.79 -8.62
C VAL A 172 -12.50 4.20 -9.28
N ARG A 173 -12.31 4.47 -10.56
CA ARG A 173 -11.07 4.11 -11.24
C ARG A 173 -9.90 4.92 -10.69
N ALA A 174 -10.15 6.18 -10.35
CA ALA A 174 -9.13 7.02 -9.72
C ALA A 174 -8.70 6.46 -8.36
N TYR A 175 -9.68 6.10 -7.53
CA TYR A 175 -9.37 5.51 -6.24
C TYR A 175 -8.57 4.21 -6.38
N ALA A 176 -8.98 3.35 -7.31
CA ALA A 176 -8.26 2.09 -7.53
C ALA A 176 -6.81 2.37 -7.89
N ASN A 177 -6.61 3.31 -8.81
CA ASN A 177 -5.25 3.67 -9.23
C ASN A 177 -4.45 4.32 -8.09
N ALA A 178 -5.13 5.13 -7.29
CA ALA A 178 -4.47 5.82 -6.20
C ALA A 178 -4.00 4.84 -5.13
N SER A 179 -4.88 3.90 -4.79
CA SER A 179 -4.58 2.96 -3.72
C SER A 179 -3.52 1.96 -4.17
N ALA A 180 -3.50 1.64 -5.45
CA ALA A 180 -2.49 0.75 -6.01
C ALA A 180 -1.13 1.44 -6.08
N ALA A 181 -1.13 2.71 -6.46
CA ALA A 181 0.10 3.48 -6.49
C ALA A 181 0.67 3.67 -5.08
N MET A 182 -0.19 4.00 -4.12
CA MET A 182 0.24 4.24 -2.76
C MET A 182 0.80 2.96 -2.14
N ASN A 183 0.14 1.84 -2.38
CA ASN A 183 0.65 0.55 -1.94
C ASN A 183 2.09 0.35 -2.39
N LEU A 184 2.38 0.68 -3.64
CA LEU A 184 3.71 0.49 -4.19
C LEU A 184 4.71 1.51 -3.65
N VAL A 185 4.27 2.76 -3.43
CA VAL A 185 5.15 3.78 -2.86
C VAL A 185 5.57 3.37 -1.45
N ARG A 186 4.65 2.76 -0.71
CA ARG A 186 4.95 2.26 0.63
C ARG A 186 5.96 1.11 0.56
N ALA A 187 5.73 0.18 -0.35
CA ALA A 187 6.62 -0.96 -0.52
C ALA A 187 8.03 -0.51 -0.90
N LEU A 188 8.13 0.37 -1.88
CA LEU A 188 9.43 0.82 -2.37
C LEU A 188 10.22 1.53 -1.28
N THR A 189 9.54 2.36 -0.48
CA THR A 189 10.25 3.21 0.47
C THR A 189 10.67 2.44 1.73
N SER A 190 10.07 1.28 1.96
CA SER A 190 10.37 0.51 3.17
C SER A 190 11.25 -0.70 2.89
N SER A 191 11.57 -0.96 1.63
CA SER A 191 12.21 -2.22 1.26
C SER A 191 13.49 -2.06 0.45
N GLY A 192 13.97 -0.83 0.29
CA GLY A 192 15.37 -0.60 -0.04
C GLY A 192 15.63 0.33 -1.19
N LEU A 193 14.61 0.65 -1.98
CA LEU A 193 14.76 1.67 -3.01
C LEU A 193 15.18 3.00 -2.40
N ALA A 194 14.75 3.22 -1.17
CA ALA A 194 14.92 4.52 -0.54
C ALA A 194 16.13 4.51 0.38
N SER A 195 16.96 3.48 0.26
CA SER A 195 18.21 3.44 1.00
C SER A 195 19.11 4.61 0.62
N LEU A 196 19.60 5.34 1.62
CA LEU A 196 20.34 6.57 1.37
C LEU A 196 21.55 6.31 0.47
N HIS A 197 22.27 5.22 0.74
CA HIS A 197 23.49 4.91 0.00
C HIS A 197 23.17 4.51 -1.43
N LEU A 198 22.09 3.76 -1.62
CA LEU A 198 21.66 3.36 -2.95
C LEU A 198 21.27 4.57 -3.79
N VAL A 199 20.53 5.49 -3.17
CA VAL A 199 20.07 6.69 -3.87
C VAL A 199 21.24 7.56 -4.29
N HIS A 200 22.24 7.68 -3.41
CA HIS A 200 23.41 8.50 -3.70
C HIS A 200 24.24 7.91 -4.84
N ASP A 201 24.28 6.57 -4.92
CA ASP A 201 24.97 5.92 -6.02
C ASP A 201 24.39 6.34 -7.37
N TRP A 202 23.06 6.44 -7.44
CA TRP A 202 22.41 6.96 -8.65
C TRP A 202 22.89 8.38 -8.95
N ASN A 203 23.00 9.20 -7.91
CA ASN A 203 23.49 10.57 -8.08
C ASN A 203 24.93 10.59 -8.62
N ARG A 204 25.74 9.66 -8.14
CA ARG A 204 27.13 9.55 -8.62
C ARG A 204 27.15 9.23 -10.11
N GLU A 205 26.27 8.33 -10.53
CA GLU A 205 26.19 7.95 -11.94
C GLU A 205 25.72 9.11 -12.82
N PHE A 206 24.84 9.97 -12.28
CA PHE A 206 24.41 11.17 -12.98
C PHE A 206 25.58 12.14 -13.22
N VAL A 207 26.37 12.37 -12.19
CA VAL A 207 27.56 13.22 -12.30
C VAL A 207 28.55 12.66 -13.32
N ARG A 208 28.68 11.33 -13.33
CA ARG A 208 29.58 10.67 -14.26
C ARG A 208 29.22 10.94 -15.72
N THR A 209 27.92 11.06 -16.00
CA THR A 209 27.43 10.98 -17.38
C THR A 209 26.77 12.28 -17.88
N SER A 210 26.38 13.16 -16.98
CA SER A 210 25.77 14.44 -17.39
C SER A 210 26.79 15.27 -18.19
N PRO A 211 26.29 16.06 -19.15
CA PRO A 211 27.19 16.94 -19.89
C PRO A 211 27.81 18.04 -19.04
N ALA A 212 27.17 18.40 -17.95
CA ALA A 212 27.69 19.43 -17.05
C ALA A 212 28.09 18.85 -15.71
N GLY A 213 28.40 17.56 -15.69
CA GLY A 213 28.71 16.85 -14.45
C GLY A 213 29.95 17.39 -13.77
N ALA A 214 30.87 17.93 -14.56
CA ALA A 214 32.03 18.64 -14.03
C ALA A 214 31.59 19.75 -13.08
N ARG A 215 30.47 20.38 -13.41
CA ARG A 215 29.96 21.49 -12.63
C ARG A 215 29.52 21.04 -11.23
N TYR A 216 29.03 19.80 -11.13
CA TYR A 216 28.37 19.33 -9.92
C TYR A 216 29.21 18.28 -9.20
N GLU A 217 30.41 18.06 -9.72
CA GLU A 217 31.30 17.02 -9.20
C GLU A 217 31.72 17.33 -7.77
N ALA A 218 32.05 18.59 -7.52
CA ALA A 218 32.61 18.97 -6.22
C ALA A 218 31.60 18.72 -5.11
N LEU A 219 30.35 19.13 -5.35
CA LEU A 219 29.31 18.96 -4.36
C LEU A 219 28.91 17.49 -4.20
N ALA A 220 28.93 16.76 -5.31
CA ALA A 220 28.63 15.33 -5.28
C ALA A 220 29.66 14.59 -4.43
N THR A 221 30.92 14.93 -4.60
CA THR A 221 32.03 14.32 -3.86
C THR A 221 31.95 14.68 -2.38
N GLU A 222 31.61 15.93 -2.08
CA GLU A 222 31.36 16.35 -0.71
C GLU A 222 30.31 15.46 -0.06
N ILE A 223 29.19 15.29 -0.75
CA ILE A 223 28.09 14.49 -0.24
C ILE A 223 28.56 13.06 0.00
N ASP A 224 29.32 12.52 -0.96
CA ASP A 224 29.86 11.17 -0.83
C ASP A 224 30.74 11.05 0.41
N ARG A 225 31.56 12.06 0.63
CA ARG A 225 32.47 12.05 1.78
C ARG A 225 31.72 12.26 3.09
N GLY A 226 30.60 12.97 3.03
CA GLY A 226 29.67 13.06 4.14
C GLY A 226 29.06 11.73 4.51
N LEU A 227 28.62 10.98 3.50
CA LEU A 227 28.01 9.67 3.73
C LEU A 227 29.02 8.70 4.33
N ARG A 228 30.23 8.70 3.79
CA ARG A 228 31.27 7.78 4.24
C ARG A 228 31.76 8.16 5.64
N PHE A 229 31.65 9.44 5.97
CA PHE A 229 31.93 9.92 7.32
C PHE A 229 30.95 9.33 8.34
N MET A 230 29.67 9.30 7.99
CA MET A 230 28.65 8.69 8.85
C MET A 230 29.02 7.26 9.19
N SER A 231 29.30 6.48 8.16
CA SER A 231 29.71 5.09 8.33
C SER A 231 31.00 4.99 9.15
N ALA A 232 31.95 5.87 8.88
CA ALA A 232 33.22 5.87 9.62
C ALA A 232 33.00 6.10 11.11
N CYS A 233 31.97 6.88 11.44
CA CYS A 233 31.69 7.25 12.82
C CYS A 233 30.84 6.18 13.51
N GLY A 234 30.52 5.12 12.78
CA GLY A 234 29.81 3.99 13.35
C GLY A 234 28.31 4.24 13.44
N VAL A 235 27.79 5.04 12.52
CA VAL A 235 26.35 5.16 12.35
C VAL A 235 25.78 3.90 11.72
N ALA A 236 24.85 3.27 12.43
CA ALA A 236 24.16 2.09 11.92
C ALA A 236 23.15 2.46 10.85
N ASP A 237 23.06 1.62 9.82
CA ASP A 237 22.35 1.98 8.60
C ASP A 237 20.83 1.86 8.76
N ARG A 238 20.37 1.87 10.01
CA ARG A 238 18.97 1.60 10.32
C ARG A 238 18.08 2.74 9.83
N ASN A 239 18.34 3.95 10.32
CA ASN A 239 17.57 5.13 9.92
C ASN A 239 17.87 5.53 8.48
N LEU A 240 18.93 4.94 7.90
CA LEU A 240 19.35 5.29 6.55
C LEU A 240 18.78 4.34 5.48
N GLN A 241 18.06 3.30 5.91
CA GLN A 241 17.61 2.25 5.01
C GLN A 241 16.28 2.59 4.35
N THR A 242 15.43 3.32 5.07
CA THR A 242 14.09 3.62 4.60
C THR A 242 13.81 5.13 4.65
N ALA A 243 12.84 5.57 3.86
CA ALA A 243 12.43 6.97 3.85
C ALA A 243 10.91 7.09 3.87
N GLU A 244 10.42 8.22 4.36
CA GLU A 244 9.00 8.53 4.28
C GLU A 244 8.72 9.44 3.08
N ILE A 245 7.90 8.94 2.17
CA ILE A 245 7.35 9.77 1.10
C ILE A 245 5.85 9.91 1.25
N TYR A 246 5.40 11.15 1.45
CA TYR A 246 3.99 11.44 1.59
C TYR A 246 3.34 11.68 0.23
N ALA A 247 2.02 11.53 0.19
CA ALA A 247 1.25 11.67 -1.04
C ALA A 247 0.46 12.97 -1.04
N SER A 248 0.38 13.63 -2.19
CA SER A 248 -0.32 14.89 -2.32
C SER A 248 -0.90 15.02 -3.73
N HIS A 249 -1.99 15.79 -3.83
CA HIS A 249 -2.49 16.24 -5.12
C HIS A 249 -3.31 17.50 -4.91
N GLU A 250 -3.65 18.19 -6.00
CA GLU A 250 -4.64 19.27 -5.93
C GLU A 250 -6.03 18.73 -5.60
N ALA A 251 -6.59 19.21 -4.50
CA ALA A 251 -7.98 18.92 -4.18
C ALA A 251 -8.92 19.69 -5.08
N LEU A 252 -9.38 19.06 -6.16
CA LEU A 252 -10.14 19.75 -7.19
C LEU A 252 -11.57 19.21 -7.30
N VAL A 253 -11.69 17.90 -7.38
CA VAL A 253 -12.99 17.26 -7.59
C VAL A 253 -13.63 16.90 -6.26
N LEU A 254 -14.60 17.73 -5.85
CA LEU A 254 -15.07 17.67 -4.47
C LEU A 254 -15.93 16.44 -4.21
N ASP A 255 -16.51 15.87 -5.27
CA ASP A 255 -17.14 14.56 -5.18
C ASP A 255 -16.16 13.50 -4.65
N TYR A 256 -14.94 13.52 -5.17
CA TYR A 256 -13.91 12.57 -4.76
C TYR A 256 -13.45 12.85 -3.33
N GLU A 257 -13.07 14.09 -3.07
CA GLU A 257 -12.49 14.44 -1.78
C GLU A 257 -13.48 14.24 -0.64
N ARG A 258 -14.74 14.64 -0.85
CA ARG A 258 -15.74 14.49 0.21
C ARG A 258 -16.05 13.02 0.51
N ALA A 259 -16.00 12.18 -0.53
CA ALA A 259 -16.29 10.76 -0.36
C ALA A 259 -15.15 10.07 0.37
N MET A 260 -13.96 10.66 0.34
CA MET A 260 -12.79 10.07 1.00
C MET A 260 -12.55 10.67 2.39
N LEU A 261 -13.54 11.40 2.91
CA LEU A 261 -13.46 11.88 4.28
C LEU A 261 -13.71 10.74 5.26
N ARG A 262 -12.89 10.71 6.32
CA ARG A 262 -13.09 9.77 7.41
C ARG A 262 -12.91 10.47 8.74
N LEU A 263 -13.49 9.87 9.77
CA LEU A 263 -13.40 10.35 11.15
C LEU A 263 -12.24 9.67 11.87
N SER A 264 -11.41 10.45 12.54
CA SER A 264 -10.32 9.87 13.32
C SER A 264 -10.89 9.15 14.55
N ASP A 265 -10.18 8.12 15.02
CA ASP A 265 -10.74 7.21 16.02
C ASP A 265 -10.62 7.77 17.44
N GLY A 266 -9.98 8.93 17.58
CA GLY A 266 -9.96 9.67 18.84
C GLY A 266 -9.15 8.98 19.94
N ASP A 267 -8.19 8.16 19.54
CA ASP A 267 -7.08 7.80 20.42
C ASP A 267 -6.02 8.90 20.43
N ASP A 268 -6.01 9.72 19.38
CA ASP A 268 -5.50 11.08 19.46
C ASP A 268 -6.57 12.01 20.03
N GLY A 269 -6.24 13.30 20.09
CA GLY A 269 -6.85 14.21 21.07
C GLY A 269 -8.37 14.26 21.03
N GLU A 270 -8.92 14.35 19.82
CA GLU A 270 -10.37 14.26 19.63
C GLU A 270 -10.72 13.95 18.19
N PRO A 271 -11.92 13.38 17.95
CA PRO A 271 -12.29 13.04 16.57
C PRO A 271 -12.59 14.25 15.68
N GLN A 272 -12.11 14.19 14.44
CA GLN A 272 -12.36 15.23 13.43
C GLN A 272 -12.35 14.61 12.02
N LEU A 273 -12.61 15.43 11.00
CA LEU A 273 -12.58 14.97 9.62
C LEU A 273 -11.17 15.04 9.03
N PHE A 274 -10.69 13.91 8.54
CA PHE A 274 -9.50 13.85 7.71
C PHE A 274 -9.91 13.47 6.28
N ASP A 275 -9.28 14.11 5.30
CA ASP A 275 -9.36 13.65 3.92
C ASP A 275 -8.30 12.56 3.71
N LEU A 276 -8.75 11.31 3.65
CA LEU A 276 -7.81 10.19 3.53
C LEU A 276 -7.64 9.69 2.09
N SER A 277 -7.79 10.60 1.15
CA SER A 277 -7.35 10.36 -0.22
C SER A 277 -5.86 10.67 -0.40
N ALA A 278 -5.27 11.31 0.61
CA ALA A 278 -3.91 11.83 0.52
C ALA A 278 -3.44 12.23 1.92
N HIS A 279 -2.18 12.62 2.03
CA HIS A 279 -1.68 13.16 3.30
C HIS A 279 -1.91 14.67 3.36
N THR A 280 -1.52 15.36 2.29
CA THR A 280 -1.74 16.79 2.17
C THR A 280 -2.26 17.13 0.78
N VAL A 281 -3.14 18.13 0.73
CA VAL A 281 -3.65 18.63 -0.54
C VAL A 281 -3.52 20.14 -0.62
N TRP A 282 -3.53 20.67 -1.85
CA TRP A 282 -3.52 22.11 -2.05
C TRP A 282 -4.68 22.56 -2.94
N ILE A 283 -5.02 23.83 -2.81
CA ILE A 283 -6.03 24.45 -3.64
C ILE A 283 -5.36 25.30 -4.71
N GLY A 284 -5.82 25.15 -5.95
CA GLY A 284 -5.19 25.82 -7.08
C GLY A 284 -5.61 27.26 -7.31
N GLU A 285 -4.96 27.87 -8.30
CA GLU A 285 -5.13 29.26 -8.61
C GLU A 285 -6.54 29.57 -9.13
N ARG A 286 -7.19 28.57 -9.73
CA ARG A 286 -8.51 28.78 -10.36
C ARG A 286 -9.68 28.39 -9.46
N THR A 287 -9.40 27.88 -8.27
CA THR A 287 -10.43 27.37 -7.38
C THR A 287 -10.29 27.90 -5.95
N ARG A 288 -9.44 28.91 -5.76
CA ARG A 288 -9.16 29.44 -4.42
C ARG A 288 -10.03 30.66 -4.08
N GLN A 289 -11.21 30.74 -4.68
CA GLN A 289 -12.17 31.78 -4.30
C GLN A 289 -12.39 31.78 -2.79
N ILE A 290 -12.24 32.96 -2.18
CA ILE A 290 -12.17 33.03 -0.72
C ILE A 290 -13.48 32.56 -0.09
N ASP A 291 -14.58 32.75 -0.82
CA ASP A 291 -15.91 32.32 -0.37
C ASP A 291 -16.40 31.13 -1.17
N GLY A 292 -15.49 30.38 -1.76
CA GLY A 292 -15.83 29.20 -2.54
C GLY A 292 -15.74 27.91 -1.75
N ALA A 293 -16.20 26.82 -2.36
CA ALA A 293 -16.32 25.55 -1.67
C ALA A 293 -14.96 24.90 -1.38
N HIS A 294 -13.96 25.18 -2.22
CA HIS A 294 -12.65 24.55 -2.06
C HIS A 294 -11.95 25.04 -0.82
N ILE A 295 -11.96 26.36 -0.62
CA ILE A 295 -11.39 26.94 0.58
C ILE A 295 -12.16 26.51 1.81
N ALA A 296 -13.48 26.42 1.70
CA ALA A 296 -14.30 26.00 2.83
C ALA A 296 -14.10 24.51 3.15
N PHE A 297 -13.87 23.71 2.13
CA PHE A 297 -13.56 22.30 2.33
C PHE A 297 -12.24 22.16 3.06
N ALA A 298 -11.24 22.92 2.62
CA ALA A 298 -9.93 22.93 3.27
C ALA A 298 -10.03 23.39 4.73
N GLN A 299 -10.98 24.26 5.00
CA GLN A 299 -11.22 24.76 6.35
C GLN A 299 -11.69 23.65 7.28
N VAL A 300 -12.44 22.70 6.74
CA VAL A 300 -13.13 21.71 7.56
C VAL A 300 -12.25 20.49 7.83
N ILE A 301 -11.29 20.21 6.94
CA ILE A 301 -10.46 19.02 7.09
C ILE A 301 -9.21 19.29 7.94
N ALA A 302 -8.69 18.22 8.55
CA ALA A 302 -7.58 18.36 9.49
C ALA A 302 -6.22 18.31 8.81
N ASN A 303 -6.16 17.80 7.57
CA ASN A 303 -4.90 17.69 6.86
C ASN A 303 -4.19 19.04 6.82
N PRO A 304 -2.84 19.02 6.72
CA PRO A 304 -2.13 20.19 6.24
C PRO A 304 -2.55 20.56 4.83
N VAL A 305 -2.68 21.85 4.56
CA VAL A 305 -3.14 22.31 3.24
C VAL A 305 -2.27 23.42 2.68
N GLY A 306 -2.32 23.58 1.37
CA GLY A 306 -1.60 24.63 0.67
C GLY A 306 -2.53 25.41 -0.24
N VAL A 307 -2.18 26.67 -0.50
CA VAL A 307 -2.87 27.47 -1.48
C VAL A 307 -1.86 28.09 -2.46
N LYS A 308 -2.12 27.91 -3.76
CA LYS A 308 -1.29 28.54 -4.79
C LYS A 308 -1.52 30.04 -4.85
N LEU A 309 -0.43 30.80 -4.91
CA LEU A 309 -0.51 32.25 -5.02
C LEU A 309 0.20 32.73 -6.26
N GLY A 310 -0.57 33.25 -7.22
CA GLY A 310 -0.03 33.77 -8.46
C GLY A 310 0.13 35.29 -8.44
N PRO A 311 0.42 35.88 -9.60
CA PRO A 311 0.89 37.27 -9.67
C PRO A 311 -0.19 38.30 -9.31
N ASN A 312 -1.46 37.89 -9.34
CA ASN A 312 -2.55 38.79 -8.97
C ASN A 312 -2.80 38.85 -7.46
N MET A 313 -2.09 38.02 -6.71
CA MET A 313 -2.30 37.96 -5.27
C MET A 313 -2.03 39.32 -4.63
N THR A 314 -2.90 39.72 -3.71
CA THR A 314 -2.63 40.85 -2.84
C THR A 314 -2.17 40.37 -1.47
N PRO A 315 -1.45 41.23 -0.74
CA PRO A 315 -1.11 40.94 0.64
C PRO A 315 -2.34 40.73 1.51
N GLU A 316 -3.41 41.46 1.21
CA GLU A 316 -4.61 41.42 2.03
C GLU A 316 -5.37 40.10 1.84
N LEU A 317 -5.45 39.65 0.59
CA LEU A 317 -6.11 38.37 0.32
C LEU A 317 -5.30 37.21 0.89
N ALA A 318 -3.97 37.31 0.84
CA ALA A 318 -3.12 36.30 1.44
C ALA A 318 -3.37 36.17 2.94
N VAL A 319 -3.53 37.31 3.61
CA VAL A 319 -3.88 37.32 5.03
C VAL A 319 -5.24 36.66 5.28
N GLU A 320 -6.19 36.87 4.37
CA GLU A 320 -7.50 36.24 4.48
C GLU A 320 -7.39 34.72 4.46
N TYR A 321 -6.59 34.20 3.52
CA TYR A 321 -6.34 32.77 3.47
C TYR A 321 -5.79 32.29 4.81
N VAL A 322 -4.83 33.03 5.36
CA VAL A 322 -4.22 32.66 6.62
C VAL A 322 -5.26 32.63 7.75
N GLU A 323 -6.16 33.60 7.76
CA GLU A 323 -7.16 33.68 8.83
C GLU A 323 -8.25 32.63 8.70
N ARG A 324 -8.58 32.23 7.46
CA ARG A 324 -9.59 31.19 7.25
C ARG A 324 -9.03 29.79 7.49
N LEU A 325 -7.78 29.58 7.07
CA LEU A 325 -7.23 28.23 6.97
C LEU A 325 -6.29 27.88 8.11
N ASP A 326 -5.80 28.89 8.82
CA ASP A 326 -5.04 28.66 10.04
C ASP A 326 -5.62 29.45 11.22
N PRO A 327 -6.89 29.20 11.53
CA PRO A 327 -7.55 29.98 12.57
C PRO A 327 -7.02 29.68 13.98
N HIS A 328 -6.32 28.56 14.15
CA HIS A 328 -5.79 28.20 15.47
C HIS A 328 -4.29 28.43 15.60
N ASN A 329 -3.71 29.14 14.64
CA ASN A 329 -2.28 29.42 14.66
C ASN A 329 -1.47 28.15 14.95
N LYS A 330 -1.59 27.18 14.05
CA LYS A 330 -0.78 25.98 14.08
C LYS A 330 0.31 26.04 13.00
N PRO A 331 1.57 26.18 13.43
CA PRO A 331 2.66 26.23 12.45
C PRO A 331 2.64 25.04 11.50
N GLY A 332 2.72 25.31 10.20
CA GLY A 332 2.84 24.26 9.21
C GLY A 332 1.50 23.78 8.68
N ARG A 333 0.40 24.20 9.31
CA ARG A 333 -0.91 23.78 8.88
C ARG A 333 -1.20 24.35 7.49
N LEU A 334 -0.72 25.57 7.25
CA LEU A 334 -0.92 26.25 5.98
C LEU A 334 0.41 26.50 5.27
N THR A 335 0.45 26.14 3.99
CA THR A 335 1.58 26.43 3.11
C THR A 335 1.11 27.37 2.01
N LEU A 336 1.82 28.48 1.86
CA LEU A 336 1.52 29.43 0.80
C LEU A 336 2.53 29.29 -0.34
N VAL A 337 2.02 28.93 -1.50
CA VAL A 337 2.84 28.41 -2.58
C VAL A 337 2.95 29.46 -3.68
N SER A 338 4.05 30.21 -3.68
CA SER A 338 4.21 31.33 -4.61
C SER A 338 4.59 30.84 -6.01
N ARG A 339 3.83 31.29 -7.00
CA ARG A 339 4.18 31.05 -8.39
C ARG A 339 3.95 32.30 -9.23
N MET A 340 5.01 33.09 -9.39
CA MET A 340 4.88 34.49 -9.81
C MET A 340 5.38 34.68 -11.24
N GLY A 341 6.31 33.83 -11.67
CA GLY A 341 7.19 34.12 -12.78
C GLY A 341 8.52 34.71 -12.33
N ASN A 342 9.61 34.26 -12.95
CA ASN A 342 10.94 34.62 -12.48
C ASN A 342 11.19 36.12 -12.62
N HIS A 343 10.50 36.75 -13.56
CA HIS A 343 10.63 38.18 -13.79
C HIS A 343 9.82 39.01 -12.81
N LYS A 344 8.98 38.37 -12.01
CA LYS A 344 8.08 39.09 -11.11
C LYS A 344 8.29 38.77 -9.63
N VAL A 345 8.88 37.61 -9.33
CA VAL A 345 8.85 37.10 -7.96
C VAL A 345 9.54 38.06 -6.99
N ARG A 346 10.63 38.69 -7.43
CA ARG A 346 11.41 39.57 -6.56
C ARG A 346 10.62 40.81 -6.19
N ASP A 347 9.70 41.21 -7.07
CA ASP A 347 8.90 42.41 -6.86
C ASP A 347 7.61 42.11 -6.10
N LEU A 348 6.94 41.02 -6.45
CA LEU A 348 5.58 40.79 -5.98
C LEU A 348 5.53 40.08 -4.64
N LEU A 349 6.56 39.28 -4.32
CA LEU A 349 6.48 38.41 -3.15
C LEU A 349 6.72 39.15 -1.83
N PRO A 350 7.62 40.14 -1.82
CA PRO A 350 7.99 40.69 -0.51
C PRO A 350 6.82 41.30 0.28
N PRO A 351 5.94 42.07 -0.38
CA PRO A 351 4.89 42.69 0.44
C PRO A 351 3.84 41.69 0.91
N ILE A 352 3.72 40.57 0.20
CA ILE A 352 2.87 39.47 0.66
C ILE A 352 3.47 38.79 1.88
N VAL A 353 4.76 38.51 1.83
CA VAL A 353 5.44 37.86 2.95
C VAL A 353 5.41 38.75 4.19
N GLU A 354 5.67 40.04 3.99
CA GLU A 354 5.71 40.99 5.12
C GLU A 354 4.36 41.02 5.83
N LYS A 355 3.29 41.15 5.04
CA LYS A 355 1.95 41.31 5.60
C LYS A 355 1.53 40.06 6.35
N VAL A 356 1.86 38.90 5.80
CA VAL A 356 1.47 37.64 6.42
C VAL A 356 2.28 37.38 7.69
N GLN A 357 3.58 37.66 7.63
CA GLN A 357 4.44 37.52 8.81
C GLN A 357 3.91 38.37 9.97
N ALA A 358 3.33 39.53 9.65
CA ALA A 358 2.87 40.46 10.67
C ALA A 358 1.63 39.94 11.40
N THR A 359 1.02 38.88 10.87
CA THR A 359 -0.17 38.31 11.52
C THR A 359 0.19 37.50 12.76
N GLY A 360 1.46 37.15 12.89
CA GLY A 360 1.89 36.27 13.97
C GLY A 360 1.70 34.80 13.66
N HIS A 361 1.15 34.48 12.49
CA HIS A 361 1.03 33.09 12.06
C HIS A 361 2.31 32.61 11.39
N GLN A 362 2.57 31.30 11.44
CA GLN A 362 3.74 30.73 10.80
C GLN A 362 3.32 29.79 9.67
N VAL A 363 3.24 30.33 8.46
CA VAL A 363 3.03 29.52 7.27
C VAL A 363 4.35 28.93 6.78
N ILE A 364 4.27 27.90 5.97
CA ILE A 364 5.39 27.52 5.12
C ILE A 364 5.37 28.35 3.84
N TRP A 365 6.48 29.01 3.55
CA TRP A 365 6.68 29.65 2.26
C TRP A 365 7.35 28.68 1.29
N GLN A 366 6.61 28.33 0.23
CA GLN A 366 7.07 27.34 -0.73
C GLN A 366 7.08 27.93 -2.12
N CYS A 367 8.14 27.65 -2.87
CA CYS A 367 8.29 28.17 -4.23
C CYS A 367 7.82 27.14 -5.25
N ASP A 368 6.84 27.53 -6.05
CA ASP A 368 6.49 26.82 -7.28
C ASP A 368 7.02 27.58 -8.48
N PRO A 369 8.18 27.16 -9.00
CA PRO A 369 8.84 27.92 -10.05
C PRO A 369 8.43 27.48 -11.46
N MET A 370 7.42 26.61 -11.54
CA MET A 370 7.00 26.05 -12.82
C MET A 370 5.88 26.88 -13.46
N HIS A 371 4.81 27.08 -12.70
CA HIS A 371 3.50 27.40 -13.30
C HIS A 371 3.43 28.86 -13.72
N GLY A 372 4.38 29.67 -13.26
CA GLY A 372 4.47 31.06 -13.69
C GLY A 372 5.41 31.28 -14.85
N ASN A 373 6.03 30.21 -15.34
CA ASN A 373 7.09 30.32 -16.34
C ASN A 373 6.86 29.43 -17.56
N THR A 374 5.62 29.41 -18.04
CA THR A 374 5.25 28.55 -19.16
C THR A 374 5.03 29.37 -20.42
N HIS A 375 5.61 28.92 -21.53
CA HIS A 375 5.35 29.52 -22.84
C HIS A 375 5.17 28.46 -23.93
N GLU A 376 4.74 28.89 -25.12
CA GLU A 376 4.58 27.98 -26.25
C GLU A 376 5.77 28.10 -27.20
N SER A 377 6.32 26.95 -27.61
CA SER A 377 7.47 26.93 -28.52
C SER A 377 7.02 27.24 -29.95
N SER A 378 7.98 27.58 -30.80
CA SER A 378 7.71 27.76 -32.23
C SER A 378 7.20 26.46 -32.86
N THR A 379 7.60 25.33 -32.30
CA THR A 379 7.26 24.03 -32.86
C THR A 379 5.94 23.51 -32.28
N GLY A 380 5.31 24.30 -31.42
CA GLY A 380 3.90 24.10 -31.09
C GLY A 380 3.67 23.51 -29.69
N PHE A 381 4.75 23.28 -28.95
CA PHE A 381 4.67 22.60 -27.66
C PHE A 381 4.61 23.61 -26.52
N LYS A 382 3.72 23.36 -25.56
CA LYS A 382 3.77 24.03 -24.27
C LYS A 382 5.06 23.66 -23.52
N THR A 383 5.88 24.66 -23.22
CA THR A 383 7.19 24.39 -22.61
C THR A 383 7.61 25.46 -21.61
N ARG A 384 8.65 25.15 -20.84
CA ARG A 384 9.22 26.05 -19.85
C ARG A 384 10.74 26.03 -20.00
N HIS A 385 11.38 27.18 -19.83
CA HIS A 385 12.84 27.19 -19.86
C HIS A 385 13.44 26.93 -18.48
N PHE A 386 14.36 25.99 -18.45
CA PHE A 386 15.06 25.61 -17.24
C PHE A 386 15.64 26.81 -16.50
N ASP A 387 16.22 27.74 -17.25
CA ASP A 387 16.87 28.90 -16.64
C ASP A 387 15.88 29.80 -15.92
N ARG A 388 14.66 29.90 -16.44
CA ARG A 388 13.61 30.71 -15.81
C ARG A 388 13.08 30.02 -14.55
N ILE A 389 12.98 28.70 -14.60
CA ILE A 389 12.61 27.90 -13.43
C ILE A 389 13.63 28.09 -12.31
N VAL A 390 14.91 27.96 -12.66
CA VAL A 390 15.99 28.17 -11.69
C VAL A 390 15.95 29.59 -11.13
N ASP A 391 15.70 30.56 -11.99
CA ASP A 391 15.80 31.97 -11.60
C ASP A 391 14.68 32.38 -10.65
N GLU A 392 13.50 31.77 -10.77
CA GLU A 392 12.43 32.08 -9.83
C GLU A 392 12.76 31.56 -8.42
N VAL A 393 13.37 30.38 -8.34
CA VAL A 393 13.81 29.88 -7.03
C VAL A 393 14.90 30.80 -6.46
N GLN A 394 15.80 31.25 -7.33
CA GLN A 394 16.85 32.19 -6.93
C GLN A 394 16.25 33.47 -6.35
N GLY A 395 15.28 34.04 -7.06
CA GLY A 395 14.61 35.26 -6.61
C GLY A 395 13.84 35.04 -5.32
N PHE A 396 13.19 33.88 -5.21
CA PHE A 396 12.46 33.49 -4.01
C PHE A 396 13.37 33.44 -2.80
N PHE A 397 14.56 32.84 -2.95
CA PHE A 397 15.55 32.83 -1.89
C PHE A 397 15.97 34.26 -1.51
N GLU A 398 16.15 35.12 -2.52
CA GLU A 398 16.61 36.48 -2.28
C GLU A 398 15.57 37.28 -1.48
N VAL A 399 14.30 37.06 -1.78
CA VAL A 399 13.21 37.73 -1.07
C VAL A 399 13.26 37.38 0.41
N HIS A 400 13.46 36.10 0.70
CA HIS A 400 13.43 35.62 2.08
C HIS A 400 14.68 36.02 2.85
N ARG A 401 15.84 35.98 2.18
CA ARG A 401 17.08 36.38 2.82
C ARG A 401 17.03 37.84 3.23
N ALA A 402 16.46 38.68 2.36
CA ALA A 402 16.32 40.10 2.64
C ALA A 402 15.36 40.38 3.81
N LEU A 403 14.36 39.51 3.97
CA LEU A 403 13.32 39.74 4.99
C LEU A 403 13.63 39.02 6.29
N GLY A 404 14.63 38.15 6.29
CA GLY A 404 14.93 37.31 7.44
C GLY A 404 13.89 36.20 7.64
N THR A 405 13.17 35.88 6.58
CA THR A 405 12.17 34.82 6.65
C THR A 405 12.71 33.54 6.03
N HIS A 406 11.95 32.46 6.18
CA HIS A 406 12.46 31.15 5.83
C HIS A 406 11.96 30.72 4.46
N PRO A 407 12.87 30.61 3.49
CA PRO A 407 12.50 29.93 2.26
C PRO A 407 12.29 28.44 2.49
N GLY A 408 11.02 28.04 2.54
CA GLY A 408 10.63 26.82 3.25
C GLY A 408 10.67 25.58 2.40
N GLY A 409 10.66 25.74 1.08
CA GLY A 409 10.57 24.60 0.19
C GLY A 409 10.31 24.93 -1.26
N ILE A 410 10.32 23.89 -2.10
CA ILE A 410 9.93 24.02 -3.49
C ILE A 410 8.84 23.02 -3.86
N HIS A 411 8.10 23.34 -4.90
CA HIS A 411 7.08 22.47 -5.46
C HIS A 411 7.25 22.41 -6.96
N VAL A 412 7.75 21.29 -7.45
CA VAL A 412 8.16 21.19 -8.85
C VAL A 412 7.43 20.04 -9.55
N GLU A 413 7.39 20.11 -10.87
CA GLU A 413 6.82 19.03 -11.67
C GLU A 413 7.92 18.31 -12.42
N ILE A 414 8.10 17.04 -12.06
CA ILE A 414 9.26 16.28 -12.46
C ILE A 414 8.83 14.88 -12.84
N THR A 415 9.72 14.15 -13.51
CA THR A 415 9.53 12.72 -13.71
C THR A 415 10.88 12.03 -13.83
N GLY A 416 10.91 10.75 -13.44
CA GLY A 416 12.09 9.93 -13.64
C GLY A 416 12.32 9.49 -15.08
N GLU A 417 11.41 9.88 -15.98
CA GLU A 417 11.56 9.57 -17.40
C GLU A 417 12.54 10.53 -18.06
N ASN A 418 13.24 10.05 -19.09
CA ASN A 418 14.07 10.94 -19.92
C ASN A 418 13.23 11.65 -20.99
N VAL A 419 12.26 12.44 -20.56
CA VAL A 419 11.38 13.15 -21.49
C VAL A 419 12.05 14.41 -22.03
N THR A 420 11.46 14.97 -23.08
CA THR A 420 11.93 16.22 -23.66
C THR A 420 10.81 17.26 -23.62
N GLU A 421 10.64 17.90 -22.47
CA GLU A 421 9.45 18.70 -22.22
C GLU A 421 9.80 20.14 -21.83
N CYS A 422 10.83 20.29 -21.01
CA CYS A 422 11.36 21.62 -20.68
C CYS A 422 12.63 21.90 -21.47
N LEU A 423 12.74 23.12 -21.99
CA LEU A 423 13.94 23.54 -22.71
C LEU A 423 15.12 23.71 -21.75
N GLY A 424 16.33 23.50 -22.27
CA GLY A 424 17.54 23.84 -21.54
C GLY A 424 17.98 22.73 -20.61
N GLY A 425 18.59 23.12 -19.48
CA GLY A 425 19.39 22.20 -18.68
C GLY A 425 20.72 21.89 -19.33
N ALA A 426 21.50 21.01 -18.69
CA ALA A 426 22.82 20.66 -19.20
C ALA A 426 22.72 19.86 -20.50
N GLN A 427 21.61 19.19 -20.71
CA GLN A 427 21.36 18.48 -21.97
C GLN A 427 21.10 19.48 -23.10
N ASP A 428 20.81 20.72 -22.73
CA ASP A 428 20.50 21.77 -23.70
C ASP A 428 19.37 21.33 -24.62
N ILE A 429 18.24 20.98 -24.03
CA ILE A 429 17.06 20.58 -24.80
C ILE A 429 16.55 21.75 -25.63
N SER A 430 16.45 21.54 -26.94
CA SER A 430 16.03 22.59 -27.87
C SER A 430 14.56 22.47 -28.23
N GLU A 431 14.04 23.47 -28.94
CA GLU A 431 12.69 23.41 -29.49
C GLU A 431 12.50 22.21 -30.41
N THR A 432 13.51 21.92 -31.21
CA THR A 432 13.50 20.73 -32.07
C THR A 432 13.40 19.45 -31.23
N ASP A 433 14.19 19.38 -30.16
CA ASP A 433 14.26 18.18 -29.34
C ASP A 433 12.90 17.82 -28.73
N LEU A 434 12.08 18.84 -28.49
CA LEU A 434 10.84 18.65 -27.74
C LEU A 434 9.98 17.53 -28.34
N ALA A 435 10.04 17.39 -29.66
CA ALA A 435 9.16 16.47 -30.38
C ALA A 435 9.50 15.00 -30.10
N GLY A 436 10.67 14.76 -29.54
CA GLY A 436 11.16 13.39 -29.36
C GLY A 436 10.38 12.60 -28.32
N ARG A 437 10.35 13.10 -27.09
CA ARG A 437 9.63 12.44 -26.01
C ARG A 437 8.83 13.45 -25.19
N TYR A 438 7.86 14.10 -25.84
CA TYR A 438 6.92 14.98 -25.16
C TYR A 438 5.69 14.19 -24.72
N GLU A 439 5.67 13.77 -23.46
CA GLU A 439 4.80 12.67 -23.04
C GLU A 439 3.79 13.11 -21.99
N THR A 440 3.93 14.33 -21.48
CA THR A 440 3.06 14.82 -20.42
C THR A 440 1.60 14.96 -20.90
N ALA A 441 0.66 14.63 -20.02
CA ALA A 441 -0.77 14.79 -20.33
C ALA A 441 -1.24 16.21 -20.01
N CYS A 442 -0.34 17.04 -19.49
CA CYS A 442 -0.65 18.45 -19.25
C CYS A 442 0.61 19.32 -19.38
N ASP A 443 1.15 19.82 -18.27
CA ASP A 443 2.30 20.73 -18.30
C ASP A 443 3.62 19.99 -18.54
N PRO A 444 4.62 20.72 -19.06
CA PRO A 444 5.96 20.19 -19.25
C PRO A 444 6.70 19.94 -17.93
N ARG A 445 7.21 18.72 -17.77
CA ARG A 445 7.94 18.34 -16.57
C ARG A 445 9.44 18.48 -16.80
N LEU A 446 10.17 18.79 -15.73
CA LEU A 446 11.59 18.51 -15.68
C LEU A 446 11.82 17.01 -15.80
N ASN A 447 12.69 16.61 -16.72
CA ASN A 447 13.07 15.22 -16.82
C ASN A 447 14.03 14.85 -15.69
N THR A 448 14.44 13.60 -15.64
CA THR A 448 15.11 13.10 -14.44
C THR A 448 16.47 13.78 -14.23
N GLN A 449 17.14 14.12 -15.33
CA GLN A 449 18.41 14.83 -15.25
C GLN A 449 18.22 16.29 -14.86
N GLN A 450 17.21 16.94 -15.44
CA GLN A 450 16.93 18.34 -15.14
C GLN A 450 16.49 18.54 -13.69
N SER A 451 15.69 17.59 -13.18
CA SER A 451 15.21 17.66 -11.81
C SER A 451 16.37 17.53 -10.81
N LEU A 452 17.33 16.67 -11.13
CA LEU A 452 18.50 16.50 -10.28
C LEU A 452 19.43 17.71 -10.37
N GLU A 453 19.60 18.23 -11.57
CA GLU A 453 20.41 19.43 -11.77
C GLU A 453 19.83 20.62 -10.99
N LEU A 454 18.50 20.70 -10.96
CA LEU A 454 17.84 21.76 -10.19
C LEU A 454 18.16 21.60 -8.70
N ALA A 455 18.17 20.36 -8.20
CA ALA A 455 18.43 20.13 -6.80
C ALA A 455 19.86 20.57 -6.41
N PHE A 456 20.82 20.29 -7.28
CA PHE A 456 22.20 20.76 -7.07
C PHE A 456 22.27 22.28 -7.02
N LEU A 457 21.56 22.95 -7.92
CA LEU A 457 21.58 24.40 -7.99
C LEU A 457 20.90 25.04 -6.78
N VAL A 458 19.81 24.43 -6.31
CA VAL A 458 19.11 24.93 -5.15
C VAL A 458 19.88 24.61 -3.86
N ALA A 459 20.63 23.51 -3.88
CA ALA A 459 21.54 23.20 -2.77
C ALA A 459 22.60 24.30 -2.59
N GLU A 460 23.07 24.86 -3.71
CA GLU A 460 24.05 25.93 -3.64
C GLU A 460 23.41 27.23 -3.15
N MET A 461 22.13 27.43 -3.44
CA MET A 461 21.37 28.56 -2.87
C MET A 461 21.23 28.40 -1.36
N LEU A 462 20.92 27.18 -0.92
CA LEU A 462 20.83 26.88 0.50
C LEU A 462 22.16 27.08 1.22
N ARG A 463 23.26 26.79 0.52
CA ARG A 463 24.60 26.84 1.13
C ARG A 463 25.11 28.28 1.27
N ASP A 464 24.54 29.19 0.49
CA ASP A 464 24.83 30.62 0.64
C ASP A 464 24.00 31.26 1.74
N MET B 3 -23.60 1.13 -12.74
CA MET B 3 -22.73 0.47 -11.73
C MET B 3 -21.63 -0.34 -12.42
N ASN B 4 -20.97 0.29 -13.38
CA ASN B 4 -19.73 -0.22 -13.94
C ASN B 4 -18.66 0.86 -13.87
N TRP B 5 -17.49 0.51 -13.35
CA TRP B 5 -16.28 1.22 -13.78
C TRP B 5 -15.55 0.41 -14.83
N THR B 6 -14.74 1.11 -15.61
CA THR B 6 -14.31 0.64 -16.93
C THR B 6 -12.83 0.88 -17.07
N VAL B 7 -12.08 -0.14 -17.50
CA VAL B 7 -10.64 0.00 -17.67
C VAL B 7 -10.19 -0.45 -19.06
N ASP B 8 -9.20 0.24 -19.59
CA ASP B 8 -8.71 -0.01 -20.94
C ASP B 8 -7.78 -1.21 -20.96
N ILE B 9 -7.89 -2.01 -22.02
CA ILE B 9 -6.95 -3.12 -22.23
C ILE B 9 -5.71 -2.60 -22.94
N PRO B 10 -4.55 -2.61 -22.24
CA PRO B 10 -3.34 -2.00 -22.80
C PRO B 10 -2.99 -2.56 -24.18
N ILE B 11 -2.75 -1.66 -25.13
CA ILE B 11 -2.78 -2.01 -26.55
C ILE B 11 -1.51 -2.74 -26.96
N PRO B 18 9.84 -5.89 -22.72
CA PRO B 18 11.07 -6.69 -22.64
C PRO B 18 10.78 -8.15 -22.35
N PRO B 19 11.13 -9.05 -23.30
CA PRO B 19 10.66 -10.43 -23.16
C PRO B 19 11.35 -11.16 -22.02
N LEU B 20 10.67 -12.13 -21.42
CA LEU B 20 11.32 -13.00 -20.46
C LEU B 20 12.56 -13.65 -21.04
N PRO B 21 13.57 -13.89 -20.19
CA PRO B 21 14.61 -14.82 -20.54
C PRO B 21 14.04 -16.12 -21.09
N THR B 22 14.69 -16.65 -22.11
CA THR B 22 14.12 -17.72 -22.91
C THR B 22 13.80 -18.93 -22.05
N ASP B 23 14.69 -19.22 -21.10
CA ASP B 23 14.51 -20.39 -20.25
C ASP B 23 13.31 -20.24 -19.31
N LEU B 24 13.08 -19.02 -18.82
CA LEU B 24 11.94 -18.80 -17.92
C LEU B 24 10.62 -18.88 -18.68
N ARG B 25 10.58 -18.36 -19.89
CA ARG B 25 9.43 -18.52 -20.79
C ARG B 25 9.15 -20.00 -21.08
N THR B 26 10.20 -20.75 -21.40
CA THR B 26 10.04 -22.17 -21.64
C THR B 26 9.48 -22.91 -20.43
N ARG B 27 10.03 -22.60 -19.25
CA ARG B 27 9.62 -23.29 -18.02
C ARG B 27 8.22 -22.90 -17.56
N LEU B 28 7.87 -21.62 -17.71
CA LEU B 28 6.53 -21.15 -17.40
C LEU B 28 5.48 -21.79 -18.31
N ASP B 29 5.77 -21.82 -19.61
CA ASP B 29 4.88 -22.46 -20.57
C ASP B 29 4.65 -23.93 -20.19
N ALA B 30 5.74 -24.65 -19.88
CA ALA B 30 5.63 -26.08 -19.60
C ALA B 30 4.82 -26.33 -18.33
N ALA B 31 5.00 -25.47 -17.33
CA ALA B 31 4.23 -25.58 -16.09
C ALA B 31 2.75 -25.40 -16.38
N LEU B 32 2.42 -24.37 -17.15
CA LEU B 32 1.02 -24.01 -17.34
C LEU B 32 0.33 -24.92 -18.34
N ALA B 33 1.11 -25.72 -19.07
CA ALA B 33 0.54 -26.67 -20.01
C ALA B 33 0.08 -27.95 -19.32
N LYS B 34 0.57 -28.18 -18.11
CA LYS B 34 0.19 -29.36 -17.34
C LYS B 34 -1.26 -29.26 -16.91
N PRO B 35 -1.87 -30.40 -16.56
CA PRO B 35 -3.27 -30.34 -16.14
C PRO B 35 -3.44 -29.55 -14.84
N ALA B 36 -4.46 -28.71 -14.80
CA ALA B 36 -4.74 -27.87 -13.65
C ALA B 36 -6.16 -28.14 -13.16
N ALA B 37 -6.28 -28.55 -11.91
CA ALA B 37 -7.57 -28.80 -11.30
C ALA B 37 -8.19 -27.51 -10.78
N GLN B 38 -9.51 -27.51 -10.66
CA GLN B 38 -10.25 -26.50 -9.89
C GLN B 38 -10.18 -25.11 -10.52
N GLN B 39 -9.98 -25.04 -11.83
CA GLN B 39 -9.92 -23.75 -12.52
C GLN B 39 -11.33 -23.26 -12.90
N PRO B 40 -11.52 -21.94 -12.90
CA PRO B 40 -12.78 -21.40 -13.43
C PRO B 40 -12.99 -21.74 -14.89
N THR B 41 -14.26 -21.80 -15.28
CA THR B 41 -14.65 -22.10 -16.64
C THR B 41 -15.17 -20.84 -17.28
N TRP B 42 -14.25 -20.01 -17.79
CA TRP B 42 -14.66 -18.80 -18.50
C TRP B 42 -13.90 -18.74 -19.81
N PRO B 43 -14.37 -17.93 -20.77
CA PRO B 43 -13.80 -18.02 -22.10
C PRO B 43 -12.35 -17.54 -22.14
N ALA B 44 -11.54 -18.22 -22.94
CA ALA B 44 -10.10 -17.97 -22.98
C ALA B 44 -9.80 -16.54 -23.41
N ASP B 45 -10.56 -16.03 -24.38
CA ASP B 45 -10.31 -14.71 -24.92
C ASP B 45 -10.58 -13.61 -23.89
N GLN B 46 -11.59 -13.84 -23.05
CA GLN B 46 -11.92 -12.89 -21.99
C GLN B 46 -10.90 -12.96 -20.85
N ALA B 47 -10.46 -14.17 -20.53
CA ALA B 47 -9.40 -14.36 -19.54
C ALA B 47 -8.12 -13.67 -19.98
N LEU B 48 -7.78 -13.81 -21.26
CA LEU B 48 -6.60 -13.17 -21.83
C LEU B 48 -6.67 -11.66 -21.66
N ALA B 49 -7.82 -11.07 -21.95
CA ALA B 49 -7.99 -9.62 -21.81
C ALA B 49 -7.72 -9.17 -20.37
N MET B 50 -8.27 -9.90 -19.42
CA MET B 50 -8.08 -9.57 -18.01
C MET B 50 -6.62 -9.74 -17.59
N ARG B 51 -5.96 -10.80 -18.04
CA ARG B 51 -4.57 -11.03 -17.70
C ARG B 51 -3.70 -9.90 -18.24
N THR B 52 -4.05 -9.41 -19.42
CA THR B 52 -3.30 -8.34 -20.05
C THR B 52 -3.43 -7.03 -19.26
N VAL B 53 -4.61 -6.80 -18.69
CA VAL B 53 -4.77 -5.70 -17.74
C VAL B 53 -3.88 -5.89 -16.52
N LEU B 54 -3.91 -7.08 -15.93
CA LEU B 54 -3.19 -7.32 -14.68
C LEU B 54 -1.66 -7.31 -14.88
N GLU B 55 -1.22 -7.60 -16.09
CA GLU B 55 0.22 -7.60 -16.39
C GLU B 55 0.78 -6.18 -16.34
N SER B 56 -0.09 -5.18 -16.31
CA SER B 56 0.33 -3.79 -16.30
C SER B 56 0.16 -3.07 -14.95
N VAL B 57 -0.54 -3.70 -14.00
CA VAL B 57 -0.85 -3.02 -12.74
C VAL B 57 0.34 -3.03 -11.80
N PRO B 58 0.41 -2.06 -10.88
CA PRO B 58 1.39 -2.08 -9.79
C PRO B 58 1.27 -3.35 -8.94
N PRO B 59 2.40 -3.99 -8.64
CA PRO B 59 2.38 -5.26 -7.92
C PRO B 59 1.90 -5.08 -6.47
N VAL B 60 1.32 -6.13 -5.91
CA VAL B 60 0.83 -6.06 -4.53
C VAL B 60 2.02 -6.08 -3.57
N THR B 61 3.04 -6.85 -3.95
CA THR B 61 4.29 -6.94 -3.19
C THR B 61 5.48 -6.68 -4.11
N VAL B 62 6.67 -6.55 -3.53
CA VAL B 62 7.89 -6.41 -4.33
C VAL B 62 8.94 -7.45 -3.95
N PRO B 63 9.88 -7.75 -4.86
CA PRO B 63 10.77 -8.87 -4.63
C PRO B 63 11.64 -8.77 -3.36
N SER B 64 12.09 -7.58 -3.00
CA SER B 64 12.96 -7.45 -1.82
C SER B 64 12.24 -7.85 -0.52
N GLU B 65 10.92 -7.64 -0.48
CA GLU B 65 10.12 -8.09 0.66
C GLU B 65 10.07 -9.61 0.75
N ILE B 66 9.92 -10.24 -0.40
CA ILE B 66 9.84 -11.69 -0.49
C ILE B 66 11.19 -12.34 -0.13
N VAL B 67 12.28 -11.68 -0.52
CA VAL B 67 13.61 -12.15 -0.13
C VAL B 67 13.82 -12.02 1.37
N ARG B 68 13.31 -10.94 1.96
N ARG B 68 13.32 -10.93 1.96
CA ARG B 68 13.35 -10.75 3.41
CA ARG B 68 13.35 -10.74 3.40
C ARG B 68 12.52 -11.80 4.13
C ARG B 68 12.53 -11.81 4.12
N LEU B 69 11.31 -12.06 3.63
CA LEU B 69 10.46 -13.10 4.22
C LEU B 69 11.16 -14.45 4.18
N GLN B 70 11.82 -14.74 3.06
CA GLN B 70 12.56 -16.00 2.92
C GLN B 70 13.65 -16.13 3.97
N GLU B 71 14.35 -15.05 4.27
CA GLU B 71 15.36 -15.04 5.32
C GLU B 71 14.75 -15.34 6.69
N GLN B 72 13.58 -14.78 6.95
CA GLN B 72 12.93 -14.95 8.25
C GLN B 72 12.30 -16.33 8.40
N LEU B 73 11.86 -16.90 7.28
CA LEU B 73 11.34 -18.27 7.26
C LEU B 73 12.46 -19.30 7.40
N ALA B 74 13.66 -18.97 6.92
CA ALA B 74 14.82 -19.83 7.12
C ALA B 74 15.12 -19.99 8.61
N GLN B 75 14.93 -18.90 9.36
CA GLN B 75 15.12 -18.92 10.80
C GLN B 75 14.07 -19.81 11.48
N VAL B 76 12.83 -19.76 11.00
CA VAL B 76 11.80 -20.69 11.45
C VAL B 76 12.22 -22.15 11.21
N ALA B 77 12.67 -22.43 9.99
CA ALA B 77 13.03 -23.79 9.62
C ALA B 77 14.16 -24.32 10.49
N LYS B 78 15.05 -23.42 10.92
CA LYS B 78 16.21 -23.80 11.72
C LYS B 78 15.90 -23.90 13.20
N GLY B 79 14.64 -23.66 13.57
CA GLY B 79 14.21 -23.79 14.95
C GLY B 79 14.45 -22.54 15.78
N GLU B 80 14.52 -21.38 15.14
CA GLU B 80 14.92 -20.16 15.81
C GLU B 80 13.89 -19.05 15.64
N ALA B 81 12.74 -19.43 15.07
CA ALA B 81 11.57 -18.57 15.05
C ALA B 81 10.32 -19.42 14.83
N PHE B 82 9.16 -18.80 14.93
CA PHE B 82 7.87 -19.49 14.86
C PHE B 82 6.99 -18.77 13.85
N LEU B 83 6.21 -19.54 13.10
CA LEU B 83 5.37 -18.98 12.02
C LEU B 83 3.90 -18.93 12.43
N LEU B 84 3.35 -17.71 12.49
CA LEU B 84 1.92 -17.51 12.67
C LEU B 84 1.28 -17.05 11.37
N GLN B 85 0.31 -17.82 10.90
CA GLN B 85 -0.39 -17.52 9.66
C GLN B 85 -1.89 -17.62 9.89
N GLY B 86 -2.61 -16.53 9.61
CA GLY B 86 -3.99 -16.42 10.03
C GLY B 86 -4.77 -15.36 9.28
N GLY B 87 -6.06 -15.61 9.07
CA GLY B 87 -7.00 -14.61 8.58
C GLY B 87 -8.29 -15.27 8.16
N ASP B 88 -9.09 -14.56 7.36
CA ASP B 88 -10.35 -15.08 6.87
C ASP B 88 -10.12 -16.39 6.10
N CYS B 89 -11.07 -17.30 6.16
CA CYS B 89 -11.06 -18.45 5.25
C CYS B 89 -11.20 -17.94 3.82
N ALA B 90 -12.17 -17.05 3.61
CA ALA B 90 -12.37 -16.41 2.32
C ALA B 90 -12.63 -14.93 2.51
N GLU B 91 -11.75 -14.08 1.98
CA GLU B 91 -12.04 -12.67 1.89
C GLU B 91 -13.20 -12.46 0.91
N THR B 92 -14.04 -11.48 1.19
CA THR B 92 -15.05 -11.05 0.23
C THR B 92 -14.84 -9.59 -0.15
N PHE B 93 -15.31 -9.22 -1.34
CA PHE B 93 -15.25 -7.83 -1.76
C PHE B 93 -16.11 -6.96 -0.85
N MET B 94 -17.25 -7.51 -0.42
CA MET B 94 -18.20 -6.75 0.40
C MET B 94 -17.60 -6.40 1.77
N ASP B 95 -16.84 -7.33 2.33
CA ASP B 95 -16.30 -7.15 3.67
C ASP B 95 -14.86 -6.65 3.65
N ASN B 96 -14.39 -6.21 2.49
CA ASN B 96 -13.00 -5.72 2.36
C ASN B 96 -12.92 -4.25 2.75
N THR B 97 -13.17 -3.98 4.03
CA THR B 97 -13.42 -2.64 4.53
C THR B 97 -12.34 -2.32 5.55
N GLU B 98 -12.24 -1.05 5.93
CA GLU B 98 -11.26 -0.64 6.93
CA GLU B 98 -11.25 -0.63 6.92
C GLU B 98 -11.50 -1.31 8.28
N PRO B 99 -12.74 -1.31 8.77
CA PRO B 99 -12.93 -1.93 10.08
C PRO B 99 -12.56 -3.42 10.07
N HIS B 100 -12.96 -4.13 9.02
CA HIS B 100 -12.75 -5.56 8.98
C HIS B 100 -11.27 -5.91 8.84
N ILE B 101 -10.58 -5.17 7.98
CA ILE B 101 -9.15 -5.37 7.78
C ILE B 101 -8.36 -5.03 9.03
N ARG B 102 -8.71 -3.91 9.67
CA ARG B 102 -8.09 -3.50 10.92
C ARG B 102 -8.29 -4.56 12.00
N GLY B 103 -9.50 -5.08 12.09
CA GLY B 103 -9.82 -6.10 13.08
C GLY B 103 -8.99 -7.37 12.89
N ASN B 104 -8.86 -7.83 11.66
CA ASN B 104 -8.11 -9.05 11.40
C ASN B 104 -6.60 -8.85 11.62
N VAL B 105 -6.11 -7.66 11.29
CA VAL B 105 -4.73 -7.29 11.59
C VAL B 105 -4.49 -7.22 13.09
N ARG B 106 -5.41 -6.60 13.81
CA ARG B 106 -5.33 -6.56 15.27
C ARG B 106 -5.33 -7.97 15.87
N ALA B 107 -6.26 -8.82 15.44
CA ALA B 107 -6.38 -10.17 15.97
C ALA B 107 -5.10 -10.99 15.74
N LEU B 108 -4.47 -10.80 14.59
CA LEU B 108 -3.22 -11.48 14.29
C LEU B 108 -2.07 -10.97 15.17
N LEU B 109 -2.01 -9.65 15.34
CA LEU B 109 -1.00 -9.04 16.19
C LEU B 109 -1.16 -9.48 17.66
N GLN B 110 -2.40 -9.49 18.15
CA GLN B 110 -2.67 -9.93 19.51
C GLN B 110 -2.14 -11.35 19.76
N MET B 111 -2.48 -12.27 18.87
CA MET B 111 -1.93 -13.62 18.91
C MET B 111 -0.40 -13.60 18.94
N ALA B 112 0.20 -12.78 18.08
CA ALA B 112 1.64 -12.81 17.87
C ALA B 112 2.41 -12.39 19.12
N VAL B 113 1.86 -11.45 19.87
CA VAL B 113 2.49 -11.00 21.12
C VAL B 113 2.59 -12.17 22.09
N VAL B 114 1.47 -12.86 22.28
CA VAL B 114 1.39 -13.96 23.22
C VAL B 114 2.29 -15.11 22.77
N LEU B 115 2.31 -15.40 21.48
CA LEU B 115 3.14 -16.48 20.94
C LEU B 115 4.62 -16.15 20.99
N THR B 116 4.96 -14.88 20.77
CA THR B 116 6.35 -14.44 20.86
C THR B 116 6.89 -14.66 22.27
N TYR B 117 6.09 -14.30 23.28
CA TYR B 117 6.51 -14.49 24.67
C TYR B 117 6.60 -15.98 25.01
N GLY B 118 5.59 -16.74 24.57
CA GLY B 118 5.56 -18.16 24.85
C GLY B 118 6.69 -18.91 24.18
N ALA B 119 7.01 -18.53 22.95
CA ALA B 119 8.04 -19.25 22.17
C ALA B 119 9.45 -18.81 22.58
N SER B 120 9.56 -17.63 23.16
CA SER B 120 10.86 -17.02 23.43
C SER B 120 11.69 -16.91 22.17
N MET B 121 11.03 -16.58 21.06
CA MET B 121 11.73 -16.32 19.81
C MET B 121 10.80 -15.57 18.85
N PRO B 122 11.39 -14.95 17.81
CA PRO B 122 10.59 -14.11 16.93
C PRO B 122 9.44 -14.89 16.28
N VAL B 123 8.33 -14.20 16.07
CA VAL B 123 7.21 -14.77 15.35
C VAL B 123 7.06 -14.07 14.00
N VAL B 124 7.13 -14.84 12.93
CA VAL B 124 6.85 -14.33 11.59
C VAL B 124 5.35 -14.30 11.36
N LYS B 125 4.84 -13.11 11.05
CA LYS B 125 3.41 -12.86 10.97
C LYS B 125 2.94 -12.78 9.52
N VAL B 126 2.14 -13.75 9.12
CA VAL B 126 1.67 -13.86 7.74
C VAL B 126 0.16 -13.93 7.71
N ALA B 127 -0.47 -12.89 7.17
CA ALA B 127 -1.92 -12.84 7.12
C ALA B 127 -2.43 -13.59 5.88
N ARG B 128 -3.52 -14.33 6.03
CA ARG B 128 -4.41 -14.65 4.92
C ARG B 128 -5.20 -13.40 4.52
N ILE B 129 -4.71 -12.67 3.53
CA ILE B 129 -5.25 -11.34 3.24
C ILE B 129 -4.75 -10.83 1.91
N ALA B 130 -5.47 -9.88 1.34
CA ALA B 130 -5.09 -9.23 0.08
C ALA B 130 -4.89 -10.24 -1.05
N GLY B 131 -5.83 -11.16 -1.20
CA GLY B 131 -5.78 -12.14 -2.28
C GLY B 131 -6.56 -13.42 -2.07
N GLN B 132 -7.05 -13.67 -0.86
CA GLN B 132 -7.64 -14.96 -0.54
C GLN B 132 -9.09 -15.00 -1.02
N TYR B 133 -9.26 -15.03 -2.34
CA TYR B 133 -10.55 -14.76 -2.97
C TYR B 133 -11.04 -15.95 -3.80
N ALA B 134 -10.31 -17.06 -3.73
CA ALA B 134 -10.65 -18.23 -4.54
C ALA B 134 -10.53 -19.50 -3.72
N LYS B 135 -11.50 -20.39 -3.88
CA LYS B 135 -11.48 -21.68 -3.18
C LYS B 135 -11.84 -22.83 -4.10
N PRO B 136 -11.26 -24.01 -3.86
CA PRO B 136 -11.68 -25.23 -4.53
C PRO B 136 -13.03 -25.70 -4.00
N ARG B 137 -13.67 -26.58 -4.76
CA ARG B 137 -14.85 -27.28 -4.30
C ARG B 137 -14.77 -28.76 -4.70
N SER B 138 -15.14 -29.65 -3.80
CA SER B 138 -15.22 -31.06 -4.13
C SER B 138 -16.35 -31.32 -5.14
N ALA B 139 -17.41 -30.52 -5.04
CA ALA B 139 -18.58 -30.71 -5.89
C ALA B 139 -18.91 -29.43 -6.66
N ASP B 140 -19.25 -29.54 -7.94
CA ASP B 140 -19.55 -28.35 -8.73
C ASP B 140 -21.00 -27.92 -8.55
N ILE B 141 -21.84 -28.82 -8.03
CA ILE B 141 -23.20 -28.45 -7.64
C ILE B 141 -23.36 -28.54 -6.12
N ASP B 142 -23.88 -27.48 -5.52
CA ASP B 142 -23.97 -27.42 -4.06
C ASP B 142 -25.33 -27.91 -3.55
N ALA B 143 -25.52 -27.82 -2.24
CA ALA B 143 -26.67 -28.44 -1.59
C ALA B 143 -27.99 -27.80 -2.03
N LEU B 144 -27.92 -26.61 -2.64
CA LEU B 144 -29.10 -25.93 -3.15
C LEU B 144 -29.33 -26.22 -4.64
N GLY B 145 -28.48 -27.04 -5.24
CA GLY B 145 -28.56 -27.34 -6.66
C GLY B 145 -28.00 -26.26 -7.56
N LEU B 146 -27.23 -25.34 -6.96
CA LEU B 146 -26.56 -24.30 -7.73
C LEU B 146 -25.13 -24.70 -8.06
N ARG B 147 -24.59 -24.13 -9.13
CA ARG B 147 -23.15 -24.11 -9.32
C ARG B 147 -22.47 -23.56 -8.07
N SER B 148 -21.48 -24.28 -7.57
CA SER B 148 -20.86 -23.94 -6.29
C SER B 148 -20.23 -22.55 -6.32
N TYR B 149 -20.34 -21.84 -5.21
CA TYR B 149 -19.54 -20.64 -4.96
C TYR B 149 -18.05 -20.99 -4.86
N ARG B 150 -17.22 -20.28 -5.61
CA ARG B 150 -15.79 -20.60 -5.67
C ARG B 150 -14.93 -19.43 -5.20
N GLY B 151 -15.53 -18.50 -4.48
CA GLY B 151 -14.84 -17.29 -4.05
C GLY B 151 -15.04 -16.12 -5.00
N ASP B 152 -14.86 -14.90 -4.48
CA ASP B 152 -15.26 -13.71 -5.20
C ASP B 152 -14.38 -13.42 -6.42
N MET B 153 -13.23 -14.09 -6.53
CA MET B 153 -12.41 -14.00 -7.73
C MET B 153 -13.06 -14.73 -8.92
N ILE B 154 -14.03 -15.59 -8.63
CA ILE B 154 -14.61 -16.46 -9.66
C ILE B 154 -16.10 -16.21 -9.86
N ASN B 155 -16.86 -16.25 -8.78
CA ASN B 155 -18.29 -15.96 -8.86
C ASN B 155 -18.83 -15.40 -7.54
N GLY B 156 -20.15 -15.28 -7.45
CA GLY B 156 -20.78 -14.57 -6.34
C GLY B 156 -21.36 -15.49 -5.30
N PHE B 157 -21.38 -15.04 -4.06
CA PHE B 157 -21.87 -15.83 -2.93
C PHE B 157 -23.40 -16.02 -2.96
N ALA B 158 -24.10 -15.05 -3.53
CA ALA B 158 -25.56 -15.03 -3.46
C ALA B 158 -26.15 -16.29 -4.10
N PRO B 159 -27.14 -16.90 -3.44
CA PRO B 159 -27.66 -18.18 -3.89
C PRO B 159 -28.62 -18.02 -5.07
N ASP B 160 -28.08 -17.61 -6.21
CA ASP B 160 -28.85 -17.63 -7.45
C ASP B 160 -27.97 -17.86 -8.67
N ALA B 161 -28.57 -18.43 -9.70
CA ALA B 161 -27.81 -19.04 -10.78
C ALA B 161 -26.96 -17.99 -11.50
N ALA B 162 -27.54 -16.81 -11.75
CA ALA B 162 -26.82 -15.76 -12.47
C ALA B 162 -25.56 -15.33 -11.69
N ALA B 163 -25.68 -15.21 -10.38
CA ALA B 163 -24.57 -14.77 -9.55
C ALA B 163 -23.43 -15.79 -9.57
N ARG B 164 -23.77 -17.06 -9.82
CA ARG B 164 -22.80 -18.15 -9.72
C ARG B 164 -22.07 -18.42 -11.03
N GLU B 165 -22.44 -17.72 -12.10
CA GLU B 165 -21.70 -17.86 -13.35
C GLU B 165 -20.30 -17.29 -13.17
N HIS B 166 -19.33 -17.98 -13.76
CA HIS B 166 -17.94 -17.59 -13.63
C HIS B 166 -17.64 -16.35 -14.47
N ASP B 167 -17.11 -15.33 -13.82
CA ASP B 167 -17.04 -14.00 -14.42
C ASP B 167 -15.60 -13.49 -14.37
N PRO B 168 -14.95 -13.40 -15.54
CA PRO B 168 -13.51 -13.13 -15.52
C PRO B 168 -13.17 -11.70 -15.11
N SER B 169 -14.17 -10.80 -15.10
CA SER B 169 -13.95 -9.45 -14.62
C SER B 169 -13.64 -9.45 -13.12
N ARG B 170 -13.98 -10.54 -12.45
CA ARG B 170 -13.64 -10.71 -11.05
C ARG B 170 -12.14 -10.87 -10.81
N LEU B 171 -11.38 -11.23 -11.84
CA LEU B 171 -9.93 -11.23 -11.74
C LEU B 171 -9.41 -9.84 -11.39
N VAL B 172 -9.92 -8.85 -12.10
CA VAL B 172 -9.46 -7.47 -11.95
C VAL B 172 -10.05 -6.83 -10.70
N ARG B 173 -11.30 -7.18 -10.38
CA ARG B 173 -11.90 -6.76 -9.13
C ARG B 173 -11.14 -7.32 -7.93
N ALA B 174 -10.65 -8.55 -8.06
CA ALA B 174 -9.85 -9.16 -7.01
C ALA B 174 -8.55 -8.39 -6.77
N TYR B 175 -7.84 -8.07 -7.85
CA TYR B 175 -6.63 -7.26 -7.75
C TYR B 175 -6.92 -5.89 -7.11
N ALA B 176 -7.96 -5.21 -7.55
CA ALA B 176 -8.30 -3.89 -7.01
C ALA B 176 -8.48 -3.96 -5.50
N ASN B 177 -9.28 -4.93 -5.06
CA ASN B 177 -9.51 -5.14 -3.65
C ASN B 177 -8.24 -5.55 -2.89
N ALA B 178 -7.42 -6.41 -3.51
CA ALA B 178 -6.17 -6.85 -2.90
C ALA B 178 -5.20 -5.69 -2.68
N SER B 179 -5.00 -4.87 -3.70
CA SER B 179 -4.02 -3.79 -3.61
C SER B 179 -4.48 -2.71 -2.63
N ALA B 180 -5.78 -2.51 -2.54
CA ALA B 180 -6.34 -1.55 -1.58
C ALA B 180 -6.23 -2.06 -0.14
N ALA B 181 -6.42 -3.36 0.05
CA ALA B 181 -6.23 -3.97 1.36
C ALA B 181 -4.76 -3.93 1.79
N MET B 182 -3.85 -4.22 0.86
CA MET B 182 -2.42 -4.29 1.16
C MET B 182 -1.89 -2.90 1.50
N ASN B 183 -2.36 -1.90 0.78
CA ASN B 183 -2.04 -0.52 1.13
C ASN B 183 -2.38 -0.21 2.58
N LEU B 184 -3.56 -0.63 3.02
CA LEU B 184 -4.01 -0.36 4.38
C LEU B 184 -3.24 -1.17 5.41
N VAL B 185 -2.93 -2.43 5.08
CA VAL B 185 -2.14 -3.26 5.99
C VAL B 185 -0.76 -2.63 6.22
N ARG B 186 -0.17 -2.12 5.16
CA ARG B 186 1.11 -1.41 5.27
C ARG B 186 0.98 -0.18 6.16
N ALA B 187 -0.05 0.63 5.93
CA ALA B 187 -0.29 1.84 6.71
C ALA B 187 -0.49 1.52 8.19
N LEU B 188 -1.33 0.53 8.47
CA LEU B 188 -1.64 0.18 9.86
C LEU B 188 -0.41 -0.32 10.61
N THR B 189 0.45 -1.08 9.94
CA THR B 189 1.56 -1.71 10.62
C THR B 189 2.73 -0.76 10.83
N SER B 190 2.80 0.31 10.04
CA SER B 190 3.92 1.24 10.15
C SER B 190 3.57 2.50 10.94
N SER B 191 2.33 2.63 11.39
CA SER B 191 1.84 3.92 11.86
C SER B 191 1.14 3.83 13.23
N GLY B 192 1.22 2.67 13.87
CA GLY B 192 1.04 2.62 15.32
C GLY B 192 0.04 1.59 15.82
N LEU B 193 -0.79 1.06 14.92
CA LEU B 193 -1.69 -0.03 15.29
C LEU B 193 -0.87 -1.20 15.79
N ALA B 194 0.34 -1.34 15.26
CA ALA B 194 1.14 -2.53 15.50
C ALA B 194 2.16 -2.26 16.60
N SER B 195 1.97 -1.16 17.33
CA SER B 195 2.82 -0.88 18.48
C SER B 195 2.65 -1.96 19.54
N LEU B 196 3.77 -2.51 20.00
CA LEU B 196 3.75 -3.68 20.88
C LEU B 196 2.96 -3.40 22.15
N HIS B 197 3.12 -2.20 22.70
CA HIS B 197 2.48 -1.83 23.94
C HIS B 197 0.97 -1.63 23.76
N LEU B 198 0.59 -1.07 22.61
CA LEU B 198 -0.82 -0.87 22.29
C LEU B 198 -1.52 -2.22 22.11
N VAL B 199 -0.85 -3.14 21.42
CA VAL B 199 -1.43 -4.44 21.15
C VAL B 199 -1.62 -5.23 22.44
N HIS B 200 -0.67 -5.11 23.35
CA HIS B 200 -0.75 -5.83 24.61
C HIS B 200 -1.87 -5.29 25.49
N ASP B 201 -2.12 -3.99 25.41
CA ASP B 201 -3.25 -3.39 26.13
C ASP B 201 -4.57 -4.04 25.73
N TRP B 202 -4.72 -4.32 24.44
CA TRP B 202 -5.90 -5.04 23.96
C TRP B 202 -5.99 -6.42 24.61
N ASN B 203 -4.86 -7.09 24.71
CA ASN B 203 -4.81 -8.40 25.35
C ASN B 203 -5.22 -8.33 26.83
N ARG B 204 -4.81 -7.26 27.49
CA ARG B 204 -5.18 -7.05 28.89
C ARG B 204 -6.70 -6.85 29.05
N GLU B 205 -7.30 -6.16 28.10
CA GLU B 205 -8.75 -5.96 28.10
C GLU B 205 -9.51 -7.27 27.84
N PHE B 206 -8.93 -8.15 27.03
CA PHE B 206 -9.52 -9.47 26.80
C PHE B 206 -9.54 -10.30 28.09
N VAL B 207 -8.43 -10.30 28.81
CA VAL B 207 -8.32 -11.01 30.08
C VAL B 207 -9.33 -10.46 31.09
N ARG B 208 -9.50 -9.14 31.08
CA ARG B 208 -10.44 -8.47 31.98
C ARG B 208 -11.87 -8.97 31.78
N THR B 209 -12.24 -9.31 30.55
CA THR B 209 -13.65 -9.46 30.19
C THR B 209 -14.04 -10.88 29.74
N SER B 210 -13.06 -11.70 29.38
CA SER B 210 -13.34 -13.08 28.97
C SER B 210 -13.94 -13.87 30.14
N PRO B 211 -14.82 -14.84 29.83
CA PRO B 211 -15.37 -15.70 30.88
C PRO B 211 -14.32 -16.61 31.53
N ALA B 212 -13.23 -16.89 30.82
CA ALA B 212 -12.16 -17.72 31.36
C ALA B 212 -10.87 -16.92 31.56
N GLY B 213 -11.01 -15.61 31.72
CA GLY B 213 -9.87 -14.72 31.84
C GLY B 213 -9.01 -15.02 33.05
N ALA B 214 -9.64 -15.54 34.10
CA ALA B 214 -8.90 -16.00 35.28
C ALA B 214 -7.86 -17.03 34.86
N ARG B 215 -8.18 -17.83 33.85
CA ARG B 215 -7.31 -18.90 33.40
C ARG B 215 -6.04 -18.34 32.77
N TYR B 216 -6.15 -17.17 32.15
CA TYR B 216 -5.07 -16.62 31.32
C TYR B 216 -4.42 -15.41 31.97
N GLU B 217 -4.87 -15.08 33.17
CA GLU B 217 -4.42 -13.89 33.87
C GLU B 217 -2.93 -13.96 34.18
N ALA B 218 -2.49 -15.12 34.67
CA ALA B 218 -1.12 -15.28 35.11
C ALA B 218 -0.14 -15.06 33.96
N LEU B 219 -0.44 -15.65 32.80
CA LEU B 219 0.42 -15.49 31.64
C LEU B 219 0.35 -14.08 31.08
N ALA B 220 -0.83 -13.47 31.12
CA ALA B 220 -1.00 -12.11 30.66
C ALA B 220 -0.17 -11.14 31.49
N THR B 221 -0.18 -11.33 32.80
CA THR B 221 0.60 -10.52 33.74
C THR B 221 2.11 -10.72 33.54
N GLU B 222 2.51 -11.96 33.31
CA GLU B 222 3.91 -12.27 32.98
C GLU B 222 4.34 -11.48 31.76
N ILE B 223 3.54 -11.51 30.71
CA ILE B 223 3.83 -10.79 29.50
C ILE B 223 3.94 -9.29 29.77
N ASP B 224 3.00 -8.76 30.55
CA ASP B 224 3.02 -7.36 30.92
C ASP B 224 4.32 -7.00 31.65
N ARG B 225 4.75 -7.87 32.54
CA ARG B 225 5.97 -7.63 33.30
C ARG B 225 7.22 -7.79 32.43
N GLY B 226 7.11 -8.63 31.41
CA GLY B 226 8.16 -8.72 30.38
C GLY B 226 8.30 -7.45 29.57
N LEU B 227 7.17 -6.86 29.19
CA LEU B 227 7.19 -5.60 28.43
C LEU B 227 7.76 -4.47 29.27
N ARG B 228 7.29 -4.35 30.50
CA ARG B 228 7.75 -3.31 31.39
C ARG B 228 9.24 -3.47 31.70
N PHE B 229 9.71 -4.72 31.72
CA PHE B 229 11.13 -5.01 31.93
C PHE B 229 11.98 -4.41 30.81
N MET B 230 11.49 -4.51 29.58
CA MET B 230 12.19 -3.96 28.41
C MET B 230 12.37 -2.47 28.59
N SER B 231 11.29 -1.78 28.89
CA SER B 231 11.31 -0.36 29.17
C SER B 231 12.24 -0.04 30.35
N ALA B 232 12.20 -0.85 31.40
CA ALA B 232 13.04 -0.64 32.58
C ALA B 232 14.52 -0.71 32.23
N CYS B 233 14.84 -1.55 31.23
CA CYS B 233 16.23 -1.78 30.84
C CYS B 233 16.67 -0.74 29.80
N GLY B 234 15.78 0.20 29.49
CA GLY B 234 16.13 1.33 28.64
C GLY B 234 16.08 0.98 27.17
N VAL B 235 15.26 -0.01 26.83
CA VAL B 235 14.89 -0.26 25.44
C VAL B 235 13.98 0.86 24.93
N ALA B 236 14.43 1.54 23.87
CA ALA B 236 13.62 2.57 23.22
C ALA B 236 12.58 1.94 22.31
N ASP B 237 11.45 2.64 22.15
CA ASP B 237 10.29 2.06 21.48
C ASP B 237 10.47 2.02 19.96
N ARG B 238 11.72 2.04 19.49
CA ARG B 238 12.02 2.10 18.07
C ARG B 238 11.59 0.80 17.38
N ASN B 239 12.19 -0.31 17.80
CA ASN B 239 11.89 -1.62 17.22
C ASN B 239 10.48 -2.08 17.58
N LEU B 240 9.89 -1.45 18.60
CA LEU B 240 8.64 -1.90 19.18
C LEU B 240 7.41 -1.22 18.59
N GLN B 241 7.63 -0.21 17.74
CA GLN B 241 6.56 0.67 17.28
C GLN B 241 5.83 0.07 16.08
N THR B 242 6.56 -0.68 15.27
CA THR B 242 6.04 -1.19 14.01
C THR B 242 6.26 -2.68 13.88
N ALA B 243 5.44 -3.32 13.06
CA ALA B 243 5.55 -4.74 12.80
C ALA B 243 5.45 -5.04 11.31
N GLU B 244 6.01 -6.16 10.89
CA GLU B 244 5.83 -6.65 9.53
C GLU B 244 4.76 -7.70 9.47
N ILE B 245 3.72 -7.44 8.68
CA ILE B 245 2.71 -8.44 8.38
C ILE B 245 2.74 -8.75 6.89
N TYR B 246 3.08 -9.99 6.57
CA TYR B 246 3.15 -10.42 5.18
C TYR B 246 1.79 -10.92 4.69
N ALA B 247 1.62 -10.91 3.37
CA ALA B 247 0.37 -11.30 2.75
C ALA B 247 0.48 -12.68 2.10
N SER B 248 -0.57 -13.46 2.23
CA SER B 248 -0.59 -14.81 1.68
C SER B 248 -2.00 -15.16 1.24
N HIS B 249 -2.07 -16.09 0.29
CA HIS B 249 -3.32 -16.75 -0.04
C HIS B 249 -3.02 -18.07 -0.73
N GLU B 250 -4.02 -18.94 -0.86
CA GLU B 250 -3.87 -20.11 -1.71
C GLU B 250 -3.74 -19.71 -3.17
N ALA B 251 -2.65 -20.14 -3.81
CA ALA B 251 -2.47 -19.95 -5.23
C ALA B 251 -3.33 -20.95 -5.98
N LEU B 252 -4.50 -20.50 -6.42
CA LEU B 252 -5.49 -21.42 -6.97
C LEU B 252 -5.82 -21.11 -8.43
N VAL B 253 -6.15 -19.85 -8.70
CA VAL B 253 -6.58 -19.44 -10.02
C VAL B 253 -5.37 -19.00 -10.85
N LEU B 254 -4.95 -19.85 -11.78
CA LEU B 254 -3.65 -19.67 -12.41
C LEU B 254 -3.67 -18.53 -13.44
N ASP B 255 -4.86 -18.15 -13.91
CA ASP B 255 -5.02 -16.90 -14.67
C ASP B 255 -4.57 -15.69 -13.86
N TYR B 256 -4.94 -15.66 -12.58
CA TYR B 256 -4.56 -14.55 -11.70
C TYR B 256 -3.07 -14.61 -11.38
N GLU B 257 -2.59 -15.76 -10.95
CA GLU B 257 -1.20 -15.86 -10.47
C GLU B 257 -0.21 -15.64 -11.61
N ARG B 258 -0.50 -16.16 -12.80
CA ARG B 258 0.41 -15.99 -13.92
C ARG B 258 0.47 -14.53 -14.40
N ALA B 259 -0.65 -13.82 -14.28
CA ALA B 259 -0.72 -12.42 -14.70
C ALA B 259 0.02 -11.52 -13.72
N MET B 260 0.21 -12.00 -12.49
CA MET B 260 0.87 -11.21 -11.47
C MET B 260 2.35 -11.59 -11.30
N LEU B 261 2.86 -12.39 -12.23
CA LEU B 261 4.29 -12.65 -12.28
C LEU B 261 5.05 -11.42 -12.75
N ARG B 262 6.17 -11.13 -12.07
CA ARG B 262 7.11 -10.13 -12.53
C ARG B 262 8.54 -10.67 -12.44
N LEU B 263 9.39 -10.22 -13.35
CA LEU B 263 10.79 -10.63 -13.40
C LEU B 263 11.61 -9.72 -12.50
N SER B 264 12.40 -10.31 -11.61
CA SER B 264 13.26 -9.53 -10.75
C SER B 264 14.36 -8.89 -11.60
N ASP B 265 14.99 -7.86 -11.06
CA ASP B 265 16.31 -7.46 -11.53
C ASP B 265 17.36 -8.49 -11.08
N GLY B 266 18.55 -8.38 -11.64
CA GLY B 266 19.66 -9.24 -11.25
C GLY B 266 20.58 -8.56 -10.26
N ASP B 267 19.99 -7.85 -9.31
CA ASP B 267 20.73 -7.28 -8.19
C ASP B 267 21.02 -8.34 -7.11
N ASP B 268 20.17 -9.37 -7.05
CA ASP B 268 20.43 -10.54 -6.22
C ASP B 268 20.49 -11.81 -7.06
N GLY B 269 21.71 -12.31 -7.28
CA GLY B 269 21.92 -13.41 -8.22
C GLY B 269 21.43 -13.08 -9.63
N GLU B 270 20.57 -13.94 -10.16
CA GLU B 270 20.11 -13.82 -11.55
C GLU B 270 18.61 -13.55 -11.58
N PRO B 271 18.10 -13.09 -12.73
CA PRO B 271 16.67 -12.79 -12.79
C PRO B 271 15.79 -14.01 -12.59
N GLN B 272 14.77 -13.85 -11.75
CA GLN B 272 13.84 -14.91 -11.42
C GLN B 272 12.42 -14.37 -11.59
N LEU B 273 11.46 -15.28 -11.77
CA LEU B 273 10.05 -14.93 -11.68
C LEU B 273 9.59 -14.92 -10.24
N PHE B 274 9.05 -13.78 -9.82
CA PHE B 274 8.33 -13.66 -8.55
C PHE B 274 6.84 -13.51 -8.81
N ASP B 275 6.02 -14.20 -8.02
CA ASP B 275 4.59 -13.94 -8.00
C ASP B 275 4.31 -12.79 -7.05
N LEU B 276 4.03 -11.61 -7.62
CA LEU B 276 3.86 -10.39 -6.82
C LEU B 276 2.39 -10.07 -6.54
N SER B 277 1.56 -11.12 -6.50
CA SER B 277 0.23 -11.01 -5.93
C SER B 277 0.24 -11.18 -4.41
N ALA B 278 1.39 -11.60 -3.89
CA ALA B 278 1.51 -11.94 -2.48
C ALA B 278 2.98 -12.05 -2.11
N HIS B 279 3.27 -12.24 -0.82
CA HIS B 279 4.61 -12.58 -0.40
C HIS B 279 4.85 -14.08 -0.48
N THR B 280 3.93 -14.85 0.09
CA THR B 280 4.00 -16.31 0.06
C THR B 280 2.63 -16.90 -0.29
N VAL B 281 2.65 -17.99 -1.04
CA VAL B 281 1.42 -18.70 -1.36
C VAL B 281 1.56 -20.20 -1.06
N TRP B 282 0.42 -20.87 -0.93
CA TRP B 282 0.42 -22.31 -0.72
C TRP B 282 -0.49 -23.02 -1.71
N ILE B 283 -0.21 -24.29 -1.92
CA ILE B 283 -1.01 -25.14 -2.77
C ILE B 283 -1.88 -26.05 -1.90
N GLY B 284 -3.16 -26.12 -2.24
CA GLY B 284 -4.12 -26.85 -1.43
C GLY B 284 -4.17 -28.35 -1.68
N GLU B 285 -4.97 -29.03 -0.86
CA GLU B 285 -5.13 -30.48 -0.94
C GLU B 285 -5.62 -30.91 -2.32
N ARG B 286 -6.49 -30.12 -2.93
CA ARG B 286 -7.19 -30.57 -4.12
C ARG B 286 -6.49 -30.15 -5.40
N THR B 287 -5.35 -29.47 -5.25
CA THR B 287 -4.62 -28.99 -6.43
C THR B 287 -3.13 -29.34 -6.39
N ARG B 288 -2.73 -30.18 -5.44
CA ARG B 288 -1.32 -30.53 -5.25
C ARG B 288 -0.90 -31.79 -6.01
N GLN B 289 -1.60 -32.08 -7.12
CA GLN B 289 -1.16 -33.16 -8.02
C GLN B 289 0.31 -33.01 -8.38
N ILE B 290 1.08 -34.08 -8.19
CA ILE B 290 2.54 -33.96 -8.18
C ILE B 290 3.05 -33.59 -9.56
N ASP B 291 2.30 -33.99 -10.58
CA ASP B 291 2.62 -33.64 -11.97
C ASP B 291 1.65 -32.61 -12.55
N GLY B 292 0.98 -31.87 -11.69
CA GLY B 292 -0.01 -30.89 -12.11
C GLY B 292 0.58 -29.49 -12.26
N ALA B 293 -0.24 -28.56 -12.75
CA ALA B 293 0.21 -27.22 -13.07
C ALA B 293 0.56 -26.41 -11.82
N HIS B 294 -0.16 -26.64 -10.72
CA HIS B 294 0.05 -25.84 -9.50
C HIS B 294 1.42 -26.10 -8.89
N ILE B 295 1.78 -27.37 -8.74
CA ILE B 295 3.10 -27.72 -8.21
C ILE B 295 4.20 -27.25 -9.16
N ALA B 296 3.96 -27.36 -10.46
CA ALA B 296 4.95 -26.90 -11.45
C ALA B 296 5.10 -25.38 -11.45
N PHE B 297 3.98 -24.68 -11.29
CA PHE B 297 4.00 -23.22 -11.16
C PHE B 297 4.79 -22.80 -9.94
N ALA B 298 4.55 -23.47 -8.82
CA ALA B 298 5.31 -23.22 -7.59
C ALA B 298 6.81 -23.44 -7.78
N GLN B 299 7.19 -24.39 -8.64
CA GLN B 299 8.60 -24.67 -8.90
C GLN B 299 9.27 -23.52 -9.62
N VAL B 300 8.49 -22.78 -10.42
CA VAL B 300 9.05 -21.76 -11.30
C VAL B 300 9.17 -20.41 -10.58
N ILE B 301 8.36 -20.18 -9.55
CA ILE B 301 8.39 -18.90 -8.85
C ILE B 301 9.36 -18.92 -7.66
N ALA B 302 9.84 -17.73 -7.30
CA ALA B 302 10.88 -17.60 -6.31
C ALA B 302 10.33 -17.47 -4.89
N ASN B 303 9.05 -17.15 -4.77
CA ASN B 303 8.43 -16.99 -3.45
C ASN B 303 8.64 -18.24 -2.59
N PRO B 304 8.70 -18.06 -1.26
CA PRO B 304 8.46 -19.18 -0.37
C PRO B 304 7.07 -19.77 -0.60
N VAL B 305 6.98 -21.09 -0.57
CA VAL B 305 5.72 -21.77 -0.83
C VAL B 305 5.40 -22.81 0.24
N GLY B 306 4.12 -23.13 0.34
CA GLY B 306 3.65 -24.19 1.22
C GLY B 306 2.79 -25.19 0.47
N VAL B 307 2.73 -26.41 0.98
CA VAL B 307 1.81 -27.44 0.48
C VAL B 307 1.02 -28.03 1.63
N LYS B 308 -0.31 -28.05 1.51
CA LYS B 308 -1.18 -28.71 2.48
C LYS B 308 -1.02 -30.23 2.41
N LEU B 309 -0.92 -30.86 3.58
CA LEU B 309 -0.80 -32.31 3.68
C LEU B 309 -1.92 -32.86 4.55
N GLY B 310 -2.81 -33.61 3.93
CA GLY B 310 -3.94 -34.22 4.63
C GLY B 310 -3.70 -35.68 5.01
N PRO B 311 -4.75 -36.36 5.48
CA PRO B 311 -4.59 -37.67 6.11
C PRO B 311 -4.12 -38.78 5.16
N ASN B 312 -4.22 -38.59 3.85
CA ASN B 312 -3.80 -39.62 2.90
C ASN B 312 -2.34 -39.43 2.43
N MET B 313 -1.64 -38.49 3.06
CA MET B 313 -0.25 -38.22 2.70
C MET B 313 0.63 -39.40 3.10
N THR B 314 1.52 -39.79 2.19
CA THR B 314 2.55 -40.76 2.53
C THR B 314 3.86 -40.06 2.80
N PRO B 315 4.75 -40.72 3.54
CA PRO B 315 6.10 -40.20 3.74
C PRO B 315 6.86 -40.06 2.43
N GLU B 316 6.61 -40.97 1.50
CA GLU B 316 7.31 -40.97 0.23
C GLU B 316 6.87 -39.81 -0.66
N LEU B 317 5.57 -39.55 -0.72
CA LEU B 317 5.05 -38.40 -1.49
C LEU B 317 5.53 -37.08 -0.89
N ALA B 318 5.56 -37.00 0.44
CA ALA B 318 6.05 -35.80 1.11
C ALA B 318 7.48 -35.50 0.71
N VAL B 319 8.31 -36.54 0.67
CA VAL B 319 9.69 -36.38 0.23
C VAL B 319 9.76 -35.91 -1.23
N GLU B 320 8.87 -36.40 -2.08
CA GLU B 320 8.86 -35.97 -3.47
C GLU B 320 8.49 -34.49 -3.62
N TYR B 321 7.59 -33.98 -2.78
CA TYR B 321 7.29 -32.55 -2.75
C TYR B 321 8.53 -31.76 -2.34
N VAL B 322 9.21 -32.22 -1.30
CA VAL B 322 10.42 -31.59 -0.83
C VAL B 322 11.46 -31.52 -1.94
N GLU B 323 11.66 -32.62 -2.65
CA GLU B 323 12.72 -32.66 -3.64
C GLU B 323 12.37 -31.86 -4.90
N ARG B 324 11.08 -31.72 -5.20
CA ARG B 324 10.67 -30.91 -6.35
C ARG B 324 10.64 -29.42 -6.03
N LEU B 325 10.25 -29.07 -4.82
CA LEU B 325 9.95 -27.68 -4.47
C LEU B 325 11.09 -27.02 -3.69
N ASP B 326 11.96 -27.84 -3.11
CA ASP B 326 13.18 -27.33 -2.48
C ASP B 326 14.42 -28.02 -3.05
N PRO B 327 14.60 -27.92 -4.38
CA PRO B 327 15.67 -28.67 -5.04
C PRO B 327 17.07 -28.15 -4.69
N HIS B 328 17.15 -26.93 -4.17
CA HIS B 328 18.45 -26.35 -3.83
C HIS B 328 18.77 -26.41 -2.33
N ASN B 329 17.92 -27.07 -1.56
CA ASN B 329 18.10 -27.16 -0.10
C ASN B 329 18.26 -25.77 0.52
N LYS B 330 17.22 -24.95 0.37
CA LYS B 330 17.15 -23.63 0.98
C LYS B 330 16.18 -23.67 2.14
N PRO B 331 16.70 -23.59 3.38
CA PRO B 331 15.82 -23.66 4.54
C PRO B 331 14.72 -22.60 4.49
N GLY B 332 13.47 -23.03 4.68
CA GLY B 332 12.35 -22.10 4.74
C GLY B 332 11.67 -21.85 3.40
N ARG B 333 12.29 -22.30 2.30
CA ARG B 333 11.67 -22.15 0.98
C ARG B 333 10.36 -22.94 0.92
N LEU B 334 10.32 -24.08 1.60
CA LEU B 334 9.14 -24.94 1.61
C LEU B 334 8.58 -25.09 3.01
N THR B 335 7.27 -24.88 3.13
CA THR B 335 6.53 -25.18 4.35
C THR B 335 5.58 -26.34 4.09
N LEU B 336 5.62 -27.36 4.95
CA LEU B 336 4.68 -28.48 4.86
C LEU B 336 3.62 -28.37 5.94
N VAL B 337 2.37 -28.24 5.50
CA VAL B 337 1.29 -27.78 6.36
C VAL B 337 0.37 -28.94 6.69
N SER B 338 0.57 -29.50 7.88
CA SER B 338 -0.16 -30.68 8.32
C SER B 338 -1.60 -30.33 8.66
N ARG B 339 -2.56 -31.05 8.08
CA ARG B 339 -3.95 -30.96 8.52
C ARG B 339 -4.61 -32.34 8.52
N MET B 340 -4.56 -33.00 9.68
CA MET B 340 -4.80 -34.44 9.76
C MET B 340 -6.14 -34.76 10.42
N GLY B 341 -6.63 -33.84 11.24
CA GLY B 341 -7.64 -34.17 12.26
C GLY B 341 -7.00 -34.50 13.60
N ASN B 342 -7.61 -34.03 14.67
CA ASN B 342 -7.00 -34.14 15.99
C ASN B 342 -6.90 -35.59 16.43
N HIS B 343 -7.79 -36.42 15.90
CA HIS B 343 -7.82 -37.84 16.23
C HIS B 343 -6.77 -38.64 15.44
N LYS B 344 -6.14 -38.01 14.46
CA LYS B 344 -5.21 -38.73 13.58
C LYS B 344 -3.77 -38.19 13.64
N VAL B 345 -3.60 -36.94 14.03
CA VAL B 345 -2.31 -36.26 13.82
C VAL B 345 -1.17 -37.01 14.51
N ARG B 346 -1.43 -37.53 15.70
CA ARG B 346 -0.39 -38.18 16.49
C ARG B 346 0.11 -39.44 15.81
N ASP B 347 -0.79 -40.09 15.05
CA ASP B 347 -0.47 -41.34 14.40
C ASP B 347 0.14 -41.11 13.02
N LEU B 348 -0.40 -40.17 12.26
CA LEU B 348 -0.07 -40.06 10.84
C LEU B 348 1.16 -39.19 10.59
N LEU B 349 1.43 -38.22 11.48
CA LEU B 349 2.45 -37.22 11.21
C LEU B 349 3.89 -37.76 11.43
N PRO B 350 4.10 -38.63 12.42
CA PRO B 350 5.48 -38.94 12.75
C PRO B 350 6.28 -39.57 11.61
N PRO B 351 5.68 -40.53 10.88
CA PRO B 351 6.50 -41.17 9.85
C PRO B 351 6.75 -40.26 8.65
N ILE B 352 5.91 -39.24 8.48
CA ILE B 352 6.14 -38.21 7.46
C ILE B 352 7.28 -37.29 7.86
N VAL B 353 7.28 -36.87 9.11
CA VAL B 353 8.35 -36.00 9.62
C VAL B 353 9.69 -36.73 9.59
N GLU B 354 9.71 -37.98 10.05
CA GLU B 354 10.95 -38.76 10.08
C GLU B 354 11.58 -38.87 8.71
N LYS B 355 10.76 -39.24 7.72
CA LYS B 355 11.25 -39.49 6.38
C LYS B 355 11.78 -38.21 5.75
N VAL B 356 11.07 -37.10 5.95
CA VAL B 356 11.48 -35.83 5.39
C VAL B 356 12.75 -35.30 6.07
N GLN B 357 12.83 -35.42 7.39
CA GLN B 357 14.02 -35.00 8.11
C GLN B 357 15.26 -35.74 7.61
N ALA B 358 15.08 -37.00 7.25
CA ALA B 358 16.20 -37.83 6.79
C ALA B 358 16.78 -37.37 5.45
N THR B 359 16.06 -36.49 4.75
CA THR B 359 16.53 -35.99 3.45
C THR B 359 17.66 -34.98 3.62
N GLY B 360 17.77 -34.40 4.81
CA GLY B 360 18.71 -33.30 5.05
C GLY B 360 18.16 -31.94 4.67
N HIS B 361 16.93 -31.90 4.15
CA HIS B 361 16.27 -30.62 3.89
C HIS B 361 15.63 -30.10 5.16
N GLN B 362 15.49 -28.78 5.25
CA GLN B 362 14.89 -28.15 6.41
C GLN B 362 13.62 -27.40 6.00
N VAL B 363 12.50 -28.11 6.06
CA VAL B 363 11.20 -27.50 5.81
C VAL B 363 10.72 -26.82 7.08
N ILE B 364 9.74 -25.94 6.94
CA ILE B 364 8.95 -25.52 8.08
C ILE B 364 7.80 -26.50 8.27
N TRP B 365 7.71 -27.06 9.48
CA TRP B 365 6.54 -27.85 9.86
C TRP B 365 5.49 -26.97 10.50
N GLN B 366 4.34 -26.86 9.85
CA GLN B 366 3.29 -25.94 10.27
C GLN B 366 2.00 -26.72 10.48
N CYS B 367 1.32 -26.43 11.57
CA CYS B 367 0.05 -27.08 11.90
C CYS B 367 -1.13 -26.26 11.42
N ASP B 368 -1.93 -26.84 10.53
CA ASP B 368 -3.28 -26.34 10.23
C ASP B 368 -4.31 -27.18 10.95
N PRO B 369 -4.81 -26.69 12.10
CA PRO B 369 -5.70 -27.49 12.95
C PRO B 369 -7.18 -27.27 12.62
N MET B 370 -7.46 -26.57 11.52
CA MET B 370 -8.83 -26.23 11.17
C MET B 370 -9.42 -27.26 10.20
N HIS B 371 -8.72 -27.51 9.10
CA HIS B 371 -9.37 -28.09 7.90
C HIS B 371 -9.56 -29.60 8.01
N GLY B 372 -8.92 -30.21 9.00
CA GLY B 372 -9.16 -31.62 9.31
C GLY B 372 -10.20 -31.85 10.39
N ASN B 373 -10.79 -30.77 10.91
CA ASN B 373 -11.69 -30.86 12.07
C ASN B 373 -13.03 -30.15 11.85
N THR B 374 -13.62 -30.36 10.69
CA THR B 374 -14.87 -29.68 10.35
C THR B 374 -16.03 -30.67 10.34
N HIS B 375 -17.13 -30.30 10.99
CA HIS B 375 -18.37 -31.08 10.93
C HIS B 375 -19.60 -30.19 10.74
N GLU B 376 -20.74 -30.81 10.49
CA GLU B 376 -22.00 -30.08 10.35
C GLU B 376 -22.82 -30.16 11.64
N SER B 377 -23.32 -29.02 12.09
CA SER B 377 -24.13 -28.97 13.30
C SER B 377 -25.54 -29.51 13.05
N SER B 378 -26.26 -29.81 14.13
CA SER B 378 -27.67 -30.16 14.05
C SER B 378 -28.48 -29.07 13.39
N THR B 379 -28.06 -27.83 13.61
CA THR B 379 -28.83 -26.67 13.16
C THR B 379 -28.42 -26.25 11.75
N GLY B 380 -27.52 -27.02 11.13
CA GLY B 380 -27.33 -26.96 9.68
C GLY B 380 -26.06 -26.22 9.26
N PHE B 381 -25.28 -25.76 10.22
CA PHE B 381 -24.09 -24.95 9.94
C PHE B 381 -22.83 -25.81 9.88
N LYS B 382 -22.00 -25.57 8.88
CA LYS B 382 -20.62 -26.07 8.88
C LYS B 382 -19.82 -25.44 10.01
N THR B 383 -19.34 -26.25 10.94
CA THR B 383 -18.68 -25.75 12.14
C THR B 383 -17.50 -26.62 12.57
N ARG B 384 -16.73 -26.10 13.51
CA ARG B 384 -15.58 -26.80 14.07
C ARG B 384 -15.58 -26.62 15.58
N HIS B 385 -15.21 -27.65 16.32
CA HIS B 385 -15.12 -27.49 17.77
C HIS B 385 -13.76 -26.99 18.20
N PHE B 386 -13.78 -25.96 19.02
CA PHE B 386 -12.58 -25.33 19.56
C PHE B 386 -11.64 -26.36 20.18
N ASP B 387 -12.21 -27.33 20.89
CA ASP B 387 -11.41 -28.30 21.63
C ASP B 387 -10.66 -29.24 20.69
N ARG B 388 -11.26 -29.54 19.55
CA ARG B 388 -10.60 -30.37 18.54
C ARG B 388 -9.48 -29.60 17.82
N ILE B 389 -9.72 -28.32 17.58
CA ILE B 389 -8.72 -27.44 17.01
C ILE B 389 -7.49 -27.34 17.92
N VAL B 390 -7.75 -27.11 19.20
CA VAL B 390 -6.69 -27.06 20.21
C VAL B 390 -5.95 -28.40 20.27
N ASP B 391 -6.68 -29.50 20.20
CA ASP B 391 -6.10 -30.82 20.42
C ASP B 391 -5.19 -31.23 19.26
N GLU B 392 -5.49 -30.78 18.04
CA GLU B 392 -4.60 -31.10 16.93
C GLU B 392 -3.27 -30.37 17.07
N VAL B 393 -3.29 -29.14 17.58
CA VAL B 393 -2.04 -28.41 17.81
C VAL B 393 -1.26 -29.07 18.95
N GLN B 394 -1.99 -29.54 19.95
CA GLN B 394 -1.39 -30.29 21.06
C GLN B 394 -0.69 -31.56 20.55
N GLY B 395 -1.39 -32.33 19.73
CA GLY B 395 -0.82 -33.55 19.16
C GLY B 395 0.37 -33.26 18.27
N PHE B 396 0.26 -32.21 17.47
CA PHE B 396 1.33 -31.76 16.60
C PHE B 396 2.60 -31.44 17.40
N PHE B 397 2.44 -30.76 18.53
CA PHE B 397 3.57 -30.47 19.41
C PHE B 397 4.17 -31.76 19.97
N GLU B 398 3.31 -32.71 20.34
CA GLU B 398 3.77 -33.96 20.91
C GLU B 398 4.60 -34.74 19.90
N VAL B 399 4.19 -34.70 18.64
CA VAL B 399 4.88 -35.43 17.58
C VAL B 399 6.31 -34.90 17.44
N HIS B 400 6.43 -33.59 17.47
CA HIS B 400 7.72 -32.94 17.29
C HIS B 400 8.62 -33.08 18.52
N ARG B 401 8.03 -33.00 19.72
N ARG B 401 8.03 -33.01 19.72
CA ARG B 401 8.79 -33.18 20.94
CA ARG B 401 8.77 -33.20 20.95
C ARG B 401 9.42 -34.58 20.98
C ARG B 401 9.40 -34.58 20.99
N ALA B 402 8.63 -35.59 20.61
CA ALA B 402 9.09 -36.97 20.62
C ALA B 402 10.21 -37.20 19.59
N LEU B 403 10.19 -36.44 18.50
CA LEU B 403 11.16 -36.65 17.43
C LEU B 403 12.37 -35.72 17.55
N GLY B 404 12.27 -34.71 18.41
CA GLY B 404 13.33 -33.71 18.52
C GLY B 404 13.32 -32.73 17.36
N THR B 405 12.18 -32.62 16.70
CA THR B 405 12.05 -31.71 15.57
C THR B 405 11.31 -30.44 15.98
N HIS B 406 11.24 -29.47 15.08
CA HIS B 406 10.73 -28.15 15.41
C HIS B 406 9.27 -28.01 15.00
N PRO B 407 8.37 -27.88 16.00
CA PRO B 407 7.03 -27.45 15.67
C PRO B 407 7.02 -25.98 15.26
N GLY B 408 6.93 -25.72 13.96
CA GLY B 408 7.44 -24.50 13.36
C GLY B 408 6.42 -23.38 13.36
N GLY B 409 5.13 -23.73 13.42
CA GLY B 409 4.09 -22.73 13.30
C GLY B 409 2.68 -23.27 13.21
N ILE B 410 1.72 -22.34 13.21
CA ILE B 410 0.33 -22.67 12.97
C ILE B 410 -0.27 -21.86 11.82
N HIS B 411 -1.30 -22.42 11.22
CA HIS B 411 -2.05 -21.77 10.16
C HIS B 411 -3.52 -21.88 10.49
N VAL B 412 -4.12 -20.78 10.91
CA VAL B 412 -5.48 -20.79 11.43
C VAL B 412 -6.38 -19.83 10.65
N GLU B 413 -7.68 -20.07 10.74
CA GLU B 413 -8.65 -19.16 10.15
C GLU B 413 -9.40 -18.41 11.23
N ILE B 414 -9.20 -17.10 11.22
CA ILE B 414 -9.60 -16.24 12.33
C ILE B 414 -10.22 -14.96 11.79
N THR B 415 -10.88 -14.22 12.67
CA THR B 415 -11.29 -12.86 12.35
C THR B 415 -11.39 -12.03 13.63
N GLY B 416 -11.18 -10.73 13.48
CA GLY B 416 -11.36 -9.79 14.59
C GLY B 416 -12.83 -9.53 14.93
N GLU B 417 -13.73 -10.10 14.14
CA GLU B 417 -15.16 -9.98 14.41
C GLU B 417 -15.58 -10.89 15.57
N ASN B 418 -16.62 -10.47 16.30
CA ASN B 418 -17.27 -11.36 17.26
C ASN B 418 -18.31 -12.26 16.58
N VAL B 419 -17.85 -13.12 15.69
CA VAL B 419 -18.76 -14.03 14.99
C VAL B 419 -19.05 -15.25 15.84
N THR B 420 -20.06 -16.00 15.41
CA THR B 420 -20.44 -17.26 16.06
C THR B 420 -20.35 -18.40 15.04
N GLU B 421 -19.14 -18.92 14.83
CA GLU B 421 -18.88 -19.82 13.72
C GLU B 421 -18.27 -21.14 14.18
N CYS B 422 -17.36 -21.08 15.15
CA CYS B 422 -16.81 -22.27 15.78
C CYS B 422 -17.43 -22.50 17.15
N LEU B 423 -17.78 -23.75 17.44
CA LEU B 423 -18.34 -24.11 18.74
C LEU B 423 -17.27 -24.00 19.83
N GLY B 424 -17.72 -23.72 21.06
CA GLY B 424 -16.86 -23.84 22.22
C GLY B 424 -16.05 -22.58 22.47
N GLY B 425 -14.84 -22.76 23.01
CA GLY B 425 -14.10 -21.66 23.61
C GLY B 425 -14.68 -21.26 24.95
N ALA B 426 -14.07 -20.26 25.58
CA ALA B 426 -14.53 -19.79 26.89
C ALA B 426 -15.94 -19.19 26.83
N GLN B 427 -16.33 -18.70 25.67
CA GLN B 427 -17.70 -18.18 25.48
C GLN B 427 -18.69 -19.32 25.43
N ASP B 428 -18.19 -20.54 25.25
CA ASP B 428 -19.03 -21.73 25.14
C ASP B 428 -20.09 -21.54 24.06
N ILE B 429 -19.65 -21.25 22.84
CA ILE B 429 -20.56 -21.08 21.72
C ILE B 429 -21.26 -22.40 21.39
N SER B 430 -22.59 -22.38 21.40
CA SER B 430 -23.40 -23.57 21.20
C SER B 430 -23.90 -23.68 19.77
N GLU B 431 -24.49 -24.81 19.44
CA GLU B 431 -25.16 -24.99 18.15
C GLU B 431 -26.24 -23.92 17.92
N THR B 432 -26.99 -23.61 18.97
CA THR B 432 -27.99 -22.55 18.91
C THR B 432 -27.35 -21.20 18.58
N ASP B 433 -26.24 -20.91 19.26
CA ASP B 433 -25.59 -19.61 19.11
C ASP B 433 -25.14 -19.36 17.67
N LEU B 434 -24.83 -20.43 16.94
CA LEU B 434 -24.22 -20.31 15.62
C LEU B 434 -25.03 -19.38 14.71
N ALA B 435 -26.36 -19.40 14.89
CA ALA B 435 -27.26 -18.70 13.98
C ALA B 435 -27.15 -17.18 14.11
N GLY B 436 -26.53 -16.72 15.19
CA GLY B 436 -26.53 -15.30 15.54
C GLY B 436 -25.67 -14.46 14.59
N ARG B 437 -24.40 -14.82 14.47
CA ARG B 437 -23.48 -14.09 13.61
C ARG B 437 -22.59 -15.06 12.82
N TYR B 438 -23.22 -15.90 11.99
CA TYR B 438 -22.49 -16.81 11.12
C TYR B 438 -22.25 -16.15 9.77
N GLU B 439 -21.08 -15.54 9.62
CA GLU B 439 -20.90 -14.51 8.60
C GLU B 439 -19.87 -14.92 7.54
N THR B 440 -19.19 -16.04 7.77
CA THR B 440 -18.15 -16.51 6.85
C THR B 440 -18.73 -16.87 5.49
N ALA B 441 -17.98 -16.55 4.44
CA ALA B 441 -18.38 -16.90 3.09
C ALA B 441 -17.92 -18.31 2.73
N CYS B 442 -17.21 -18.97 3.65
CA CYS B 442 -16.81 -20.36 3.46
C CYS B 442 -16.72 -21.09 4.80
N ASP B 443 -15.51 -21.39 5.26
CA ASP B 443 -15.33 -22.17 6.49
C ASP B 443 -15.55 -21.33 7.73
N PRO B 444 -15.92 -21.99 8.85
CA PRO B 444 -16.05 -21.33 10.15
C PRO B 444 -14.72 -20.83 10.71
N ARG B 445 -14.67 -19.55 11.05
CA ARG B 445 -13.48 -18.95 11.64
C ARG B 445 -13.57 -18.95 13.16
N LEU B 446 -12.41 -19.03 13.80
CA LEU B 446 -12.28 -18.57 15.19
C LEU B 446 -12.59 -17.09 15.27
N ASN B 447 -13.47 -16.70 16.18
CA ASN B 447 -13.73 -15.30 16.41
C ASN B 447 -12.58 -14.68 17.21
N THR B 448 -12.66 -13.39 17.49
CA THR B 448 -11.48 -12.68 17.99
C THR B 448 -11.08 -13.16 19.38
N GLN B 449 -12.07 -13.54 20.19
CA GLN B 449 -11.78 -14.08 21.53
C GLN B 449 -11.21 -15.50 21.46
N GLN B 450 -11.79 -16.33 20.59
CA GLN B 450 -11.32 -17.70 20.42
C GLN B 450 -9.90 -17.75 19.87
N SER B 451 -9.60 -16.85 18.93
CA SER B 451 -8.27 -16.82 18.32
C SER B 451 -7.22 -16.44 19.37
N LEU B 452 -7.58 -15.53 20.26
CA LEU B 452 -6.65 -15.09 21.29
C LEU B 452 -6.50 -16.16 22.37
N GLU B 453 -7.62 -16.81 22.73
CA GLU B 453 -7.57 -17.92 23.65
C GLU B 453 -6.70 -19.04 23.12
N LEU B 454 -6.75 -19.29 21.82
CA LEU B 454 -5.91 -20.31 21.20
C LEU B 454 -4.43 -19.95 21.34
N ALA B 455 -4.10 -18.68 21.17
CA ALA B 455 -2.72 -18.24 21.26
C ALA B 455 -2.17 -18.45 22.68
N PHE B 456 -2.99 -18.16 23.69
CA PHE B 456 -2.61 -18.42 25.09
C PHE B 456 -2.34 -19.90 25.31
N LEU B 457 -3.19 -20.77 24.74
CA LEU B 457 -3.06 -22.21 24.95
C LEU B 457 -1.84 -22.76 24.24
N VAL B 458 -1.56 -22.24 23.04
CA VAL B 458 -0.39 -22.66 22.28
C VAL B 458 0.89 -22.09 22.87
N ALA B 459 0.80 -20.92 23.50
CA ALA B 459 1.92 -20.38 24.27
C ALA B 459 2.32 -21.33 25.41
N GLU B 460 1.34 -21.95 26.05
CA GLU B 460 1.62 -22.89 27.13
C GLU B 460 2.24 -24.19 26.59
N MET B 461 1.87 -24.56 25.37
CA MET B 461 2.52 -25.69 24.69
C MET B 461 3.98 -25.36 24.38
N LEU B 462 4.22 -24.15 23.91
CA LEU B 462 5.58 -23.68 23.64
C LEU B 462 6.43 -23.63 24.91
N ARG B 463 5.79 -23.34 26.04
CA ARG B 463 6.51 -23.16 27.30
C ARG B 463 6.87 -24.50 27.94
N ASP B 464 6.16 -25.56 27.56
CA ASP B 464 6.50 -26.92 27.99
C ASP B 464 7.57 -27.55 27.09
S SO4 C . -1.72 26.46 -10.35
O1 SO4 C . -1.19 25.09 -10.57
O2 SO4 C . -1.76 27.16 -11.64
O3 SO4 C . -3.08 26.37 -9.77
O4 SO4 C . -0.84 27.19 -9.41
MN MN D . 1.13 21.55 -13.78
N DTR E . -3.36 1.44 -15.59
CA DTR E . -4.48 1.23 -14.63
CB DTR E . -4.49 -0.21 -14.18
CG DTR E . -5.05 -0.32 -12.79
CD1 DTR E . -4.56 0.24 -11.62
NE1 DTR E . -5.31 -0.14 -10.57
CE2 DTR E . -6.30 -1.00 -10.99
CZ2 DTR E . -7.31 -1.66 -10.27
CH2 DTR E . -8.17 -2.48 -11.00
CZ3 DTR E . -8.05 -2.64 -12.37
CE3 DTR E . -7.07 -1.97 -13.07
CD2 DTR E . -6.19 -1.14 -12.39
C DTR E . -5.80 1.58 -15.26
O DTR E . -5.89 1.80 -16.51
OXT DTR E . -6.73 1.76 -14.46
N DTR F . 15.85 9.10 7.85
CA DTR F . 15.84 9.31 6.38
CB DTR F . 17.17 8.97 5.77
CG DTR F . 17.08 8.64 4.32
CD1 DTR F . 16.83 7.40 3.76
NE1 DTR F . 16.68 7.50 2.40
CE2 DTR F . 16.78 8.80 2.05
CZ2 DTR F . 16.69 9.41 0.77
CH2 DTR F . 16.82 10.79 0.69
CZ3 DTR F . 17.03 11.57 1.84
CE3 DTR F . 17.14 10.97 3.09
CD2 DTR F . 16.95 9.58 3.21
C DTR F . 15.49 10.73 6.07
O DTR F . 16.25 11.65 6.37
OXT DTR F . 14.36 10.92 5.49
S SO4 G . -7.05 -27.50 2.29
O1 SO4 G . -5.97 -27.92 3.22
O2 SO4 G . -6.55 -27.53 0.91
O3 SO4 G . -7.48 -26.13 2.64
O4 SO4 G . -8.20 -28.43 2.44
S SO4 H . 2.06 -15.74 -19.46
O1 SO4 H . 2.54 -17.12 -19.64
O2 SO4 H . 3.22 -14.83 -19.27
O3 SO4 H . 1.32 -15.31 -20.67
O4 SO4 H . 1.18 -15.68 -18.27
S SO4 I . -16.80 -28.89 -0.96
O1 SO4 I . -17.20 -29.97 -0.04
O2 SO4 I . -15.37 -29.06 -1.33
O3 SO4 I . -17.63 -28.94 -2.19
O4 SO4 I . -16.97 -27.57 -0.30
S SO4 J . 7.37 -12.93 -23.33
O1 SO4 J . 8.26 -14.12 -23.23
O2 SO4 J . 7.03 -12.64 -24.74
O3 SO4 J . 6.13 -13.19 -22.57
O4 SO4 J . 8.08 -11.78 -22.75
MN MN K . -10.86 -22.57 5.01
N DTR L . -15.73 -3.55 -1.73
CA DTR L . -15.29 -3.12 -3.08
CB DTR L . -15.49 -1.63 -3.35
CG DTR L . -14.70 -1.16 -4.49
CD1 DTR L . -15.13 -0.78 -5.74
NE1 DTR L . -14.08 -0.50 -6.56
CE2 DTR L . -12.91 -0.74 -5.85
CZ2 DTR L . -11.56 -0.62 -6.20
CH2 DTR L . -10.60 -0.94 -5.24
CZ3 DTR L . -10.95 -1.42 -3.98
CE3 DTR L . -12.28 -1.53 -3.62
CD2 DTR L . -13.28 -1.21 -4.56
C DTR L . -16.01 -3.91 -4.13
O DTR L . -15.36 -4.32 -5.08
OXT DTR L . -17.29 -4.10 -4.01
N DTR M . 9.96 -5.99 15.96
CA DTR M . 8.56 -6.32 16.17
CB DTR M . 8.02 -5.88 17.53
CG DTR M . 6.53 -5.72 17.58
CD1 DTR M . 5.82 -4.58 17.31
NE1 DTR M . 4.49 -4.85 17.34
CE2 DTR M . 4.32 -6.17 17.58
CZ2 DTR M . 3.11 -6.92 17.74
CH2 DTR M . 3.24 -8.28 18.01
CZ3 DTR M . 4.48 -8.89 18.15
CE3 DTR M . 5.65 -8.16 18.03
CD2 DTR M . 5.58 -6.78 17.69
C DTR M . 8.37 -7.78 16.06
O DTR M . 8.94 -8.48 16.94
OXT DTR M . 7.64 -8.25 15.18
#